data_2A2A
#
_entry.id   2A2A
#
_cell.length_a   55.300
_cell.length_b   60.650
_cell.length_c   98.710
_cell.angle_alpha   92.16
_cell.angle_beta   103.45
_cell.angle_gamma   94.25
#
_symmetry.space_group_name_H-M   'P 1'
#
loop_
_entity.id
_entity.type
_entity.pdbx_description
1 polymer 'Death-associated protein kinase 2'
2 non-polymer 'SODIUM ION'
3 non-polymer 'CHLORIDE ION'
4 non-polymer 2,3-DIHYDROXY-1,4-DITHIOBUTANE
5 non-polymer GLYCEROL
6 water water
#
_entity_poly.entity_id   1
_entity_poly.type   'polypeptide(L)'
_entity_poly.pdbx_seq_one_letter_code
;GMEPFKQQKVEDFYDIGEELGSGQFAIVKKCREKSTGLEYAAKFIKKRQSRASRRGVSREEIEREVSILRQVLHHNVITL
HDVYENRTDVVLILELVSGGELFDFLAQKESLSEEEATSFIKQILDGVNYLHTKKIAHFDLKPENIMLLDKNIPIPHIKL
IDFGLAHEIEDGVEFKNIFGTPEFVAPEIVNYEPLGLEADMWSIGVITYILLSGASPFLGDTKQETLANITSVSYDFDEE
FFSHTSELAKDFIRKLLVKETRKRLTIQEALRHPWITPVDNQQAMVRRESVVNLENFRKQYVRRRWKLSFSIVSLCNHLT
R
;
_entity_poly.pdbx_strand_id   A,B,C,D
#
# COMPACT_ATOMS: atom_id res chain seq x y z
N MET A 2 -15.61 35.02 -15.04
CA MET A 2 -15.39 34.31 -13.71
C MET A 2 -14.06 34.72 -13.10
N GLU A 3 -13.92 36.04 -12.89
CA GLU A 3 -12.63 36.68 -12.60
C GLU A 3 -11.69 35.73 -11.82
N PRO A 4 -10.51 35.45 -12.39
CA PRO A 4 -9.57 34.63 -11.64
C PRO A 4 -9.13 35.32 -10.36
N PHE A 5 -8.88 34.56 -9.29
CA PHE A 5 -8.32 35.18 -8.11
C PHE A 5 -6.91 35.71 -8.46
N LYS A 6 -6.53 36.83 -7.87
CA LYS A 6 -5.23 37.44 -8.15
C LYS A 6 -4.12 36.67 -7.43
N GLN A 7 -3.08 36.37 -8.21
CA GLN A 7 -1.97 35.55 -7.76
C GLN A 7 -0.81 36.37 -7.18
N GLN A 8 -0.90 37.68 -7.28
CA GLN A 8 0.12 38.59 -6.74
C GLN A 8 0.05 38.66 -5.22
N LYS A 9 1.16 39.02 -4.57
CA LYS A 9 1.21 39.09 -3.09
C LYS A 9 0.33 40.25 -2.58
N VAL A 10 -0.57 39.95 -1.65
CA VAL A 10 -1.47 40.98 -1.14
C VAL A 10 -0.71 42.19 -0.59
N GLU A 11 0.32 41.91 0.20
CA GLU A 11 1.14 42.98 0.76
C GLU A 11 1.87 43.85 -0.28
N ASP A 12 2.01 43.38 -1.50
CA ASP A 12 2.59 44.17 -2.55
C ASP A 12 1.66 45.24 -3.05
N PHE A 13 0.36 45.05 -2.88
CA PHE A 13 -0.62 46.00 -3.36
C PHE A 13 -1.44 46.67 -2.28
N TYR A 14 -1.31 46.17 -1.05
CA TYR A 14 -2.04 46.69 0.11
C TYR A 14 -1.16 46.89 1.31
N ASP A 15 -1.36 48.05 1.91
CA ASP A 15 -0.93 48.26 3.30
C ASP A 15 -1.87 47.48 4.19
N ILE A 16 -1.36 46.84 5.25
CA ILE A 16 -2.19 46.09 6.21
C ILE A 16 -2.10 46.70 7.63
N GLY A 17 -3.25 46.99 8.24
CA GLY A 17 -3.29 47.64 9.54
C GLY A 17 -3.89 46.70 10.59
N GLU A 18 -4.80 47.24 11.37
CA GLU A 18 -5.28 46.56 12.58
C GLU A 18 -6.22 45.37 12.33
N GLU A 19 -6.21 44.41 13.24
CA GLU A 19 -7.18 43.33 13.21
C GLU A 19 -8.58 43.85 13.50
N LEU A 20 -9.55 43.40 12.71
CA LEU A 20 -10.95 43.83 12.87
C LEU A 20 -11.75 42.72 13.52
N GLY A 21 -11.28 41.50 13.33
CA GLY A 21 -11.96 40.36 13.87
C GLY A 21 -11.45 39.10 13.21
N SER A 22 -12.19 38.02 13.45
CA SER A 22 -11.86 36.70 12.94
C SER A 22 -12.99 35.75 13.23
N GLY A 23 -12.88 34.56 12.66
CA GLY A 23 -13.70 33.45 13.07
C GLY A 23 -12.78 32.28 13.33
N GLN A 24 -13.22 31.11 12.90
CA GLN A 24 -12.48 29.88 13.14
C GLN A 24 -11.29 29.77 12.16
N PHE A 25 -11.58 29.90 10.86
CA PHE A 25 -10.55 29.72 9.86
C PHE A 25 -10.27 30.98 9.03
N ALA A 26 -10.55 32.17 9.61
CA ALA A 26 -10.46 33.44 8.92
C ALA A 26 -10.13 34.55 9.90
N ILE A 27 -9.30 35.48 9.43
CA ILE A 27 -8.94 36.67 10.16
C ILE A 27 -9.15 37.89 9.26
N VAL A 28 -9.65 38.97 9.82
CA VAL A 28 -9.99 40.14 9.08
C VAL A 28 -9.13 41.26 9.58
N LYS A 29 -8.53 41.98 8.64
CA LYS A 29 -7.66 43.09 8.94
C LYS A 29 -7.99 44.32 8.11
N LYS A 30 -7.86 45.52 8.67
CA LYS A 30 -7.96 46.74 7.86
C LYS A 30 -6.83 46.75 6.82
N CYS A 31 -7.14 47.29 5.65
CA CYS A 31 -6.13 47.48 4.57
C CYS A 31 -6.39 48.73 3.72
N ARG A 32 -5.38 49.11 2.92
CA ARG A 32 -5.46 50.27 2.06
C ARG A 32 -4.80 49.87 0.75
N GLU A 33 -5.52 50.07 -0.39
CA GLU A 33 -4.95 49.78 -1.69
C GLU A 33 -3.94 50.87 -1.97
N LYS A 34 -2.70 50.48 -2.15
CA LYS A 34 -1.61 51.46 -2.38
C LYS A 34 -1.86 52.38 -3.58
N SER A 35 -2.40 51.82 -4.66
CA SER A 35 -2.52 52.59 -5.90
C SER A 35 -3.56 53.69 -5.82
N THR A 36 -4.58 53.50 -4.98
CA THR A 36 -5.72 54.43 -4.93
C THR A 36 -5.81 55.21 -3.62
N GLY A 37 -5.19 54.64 -2.59
CA GLY A 37 -5.26 55.14 -1.24
C GLY A 37 -6.55 54.82 -0.52
N LEU A 38 -7.44 54.09 -1.18
CA LEU A 38 -8.74 53.78 -0.54
C LEU A 38 -8.67 52.57 0.41
N GLU A 39 -9.45 52.65 1.48
CA GLU A 39 -9.41 51.64 2.56
C GLU A 39 -10.46 50.56 2.33
N TYR A 40 -10.12 49.38 2.82
CA TYR A 40 -10.95 48.17 2.72
C TYR A 40 -10.68 47.27 3.93
N ALA A 41 -11.40 46.15 4.01
CA ALA A 41 -11.13 45.09 4.96
C ALA A 41 -10.65 43.88 4.17
N ALA A 42 -9.53 43.31 4.60
CA ALA A 42 -8.98 42.06 4.07
C ALA A 42 -9.33 40.83 4.93
N LYS A 43 -10.17 39.95 4.39
CA LYS A 43 -10.51 38.72 5.05
C LYS A 43 -9.67 37.54 4.53
N PHE A 44 -8.75 37.05 5.38
CA PHE A 44 -7.85 35.97 5.08
C PHE A 44 -8.53 34.67 5.52
N ILE A 45 -8.85 33.79 4.56
CA ILE A 45 -9.44 32.48 4.78
C ILE A 45 -8.40 31.39 4.49
N LYS A 46 -8.10 30.58 5.52
CA LYS A 46 -7.14 29.51 5.39
C LYS A 46 -7.76 28.36 4.61
N LYS A 47 -7.04 27.94 3.58
CA LYS A 47 -7.33 26.81 2.75
C LYS A 47 -7.02 25.46 3.40
N ARG A 48 -7.86 24.45 3.16
CA ARG A 48 -7.58 23.06 3.60
C ARG A 48 -6.58 22.35 2.74
N GLN A 49 -5.85 21.42 3.37
CA GLN A 49 -4.96 20.46 2.68
C GLN A 49 -5.66 19.45 1.77
N SER A 50 -6.66 18.73 2.28
CA SER A 50 -7.31 17.67 1.46
C SER A 50 -8.85 17.54 1.63
N ARG A 51 -9.31 16.82 2.64
CA ARG A 51 -10.72 16.87 3.10
C ARG A 51 -10.88 16.49 4.59
N ALA A 52 -9.91 15.71 5.10
CA ALA A 52 -9.83 15.33 6.49
C ALA A 52 -8.85 16.22 7.26
N SER A 53 -8.53 17.39 6.70
CA SER A 53 -7.80 18.42 7.45
C SER A 53 -8.70 18.96 8.56
N ARG A 54 -8.13 19.08 9.76
CA ARG A 54 -8.83 19.70 10.88
C ARG A 54 -8.97 21.20 10.59
N ARG A 55 -7.90 21.77 10.03
CA ARG A 55 -7.84 23.20 9.80
C ARG A 55 -8.10 23.53 8.33
N GLY A 56 -8.91 24.55 8.13
CA GLY A 56 -9.00 25.24 6.86
C GLY A 56 -10.35 25.02 6.24
N VAL A 57 -10.67 25.86 5.25
CA VAL A 57 -11.99 25.85 4.62
C VAL A 57 -11.86 25.22 3.25
N SER A 58 -12.86 24.45 2.86
CA SER A 58 -12.86 23.84 1.52
C SER A 58 -12.88 24.85 0.37
N ARG A 59 -12.32 24.43 -0.76
CA ARG A 59 -12.42 25.27 -1.96
C ARG A 59 -13.88 25.59 -2.35
N GLU A 60 -14.75 24.59 -2.30
CA GLU A 60 -16.17 24.71 -2.59
C GLU A 60 -16.76 25.82 -1.74
N GLU A 61 -16.46 25.80 -0.44
CA GLU A 61 -17.00 26.84 0.43
C GLU A 61 -16.47 28.26 0.19
N ILE A 62 -15.18 28.39 -0.06
CA ILE A 62 -14.61 29.66 -0.44
C ILE A 62 -15.22 30.18 -1.73
N GLU A 63 -15.28 29.33 -2.75
CA GLU A 63 -15.85 29.76 -4.00
C GLU A 63 -17.35 30.16 -3.91
N ARG A 64 -18.11 29.48 -3.04
N ARG A 64 -18.12 29.49 -3.05
CA ARG A 64 -19.50 29.83 -2.88
CA ARG A 64 -19.53 29.83 -2.88
C ARG A 64 -19.62 31.23 -2.30
C ARG A 64 -19.67 31.22 -2.25
N GLU A 65 -18.85 31.49 -1.24
CA GLU A 65 -18.88 32.83 -0.57
C GLU A 65 -18.56 33.92 -1.62
N VAL A 66 -17.48 33.69 -2.39
CA VAL A 66 -17.09 34.64 -3.40
C VAL A 66 -18.19 34.85 -4.48
N SER A 67 -18.76 33.74 -4.96
N SER A 67 -18.79 33.75 -4.92
CA SER A 67 -19.81 33.82 -5.97
CA SER A 67 -19.77 33.82 -5.99
C SER A 67 -20.96 34.69 -5.46
C SER A 67 -21.06 34.58 -5.52
N ILE A 68 -21.39 34.42 -4.24
CA ILE A 68 -22.49 35.15 -3.68
C ILE A 68 -22.12 36.64 -3.50
N LEU A 69 -20.95 36.93 -2.94
CA LEU A 69 -20.55 38.30 -2.76
C LEU A 69 -20.45 39.07 -4.08
N ARG A 70 -20.02 38.37 -5.13
CA ARG A 70 -19.92 39.04 -6.45
C ARG A 70 -21.27 39.53 -7.02
N GLN A 71 -22.36 38.89 -6.58
CA GLN A 71 -23.70 39.18 -7.00
C GLN A 71 -24.33 40.36 -6.29
N VAL A 72 -23.80 40.73 -5.12
CA VAL A 72 -24.57 41.62 -4.25
C VAL A 72 -24.10 43.10 -4.27
N LEU A 73 -25.05 43.98 -4.60
CA LEU A 73 -24.83 45.39 -4.59
C LEU A 73 -26.04 46.11 -4.07
N HIS A 74 -26.03 46.36 -2.77
CA HIS A 74 -27.13 47.03 -2.11
C HIS A 74 -26.56 47.82 -0.95
N HIS A 75 -27.25 48.91 -0.61
CA HIS A 75 -26.75 49.81 0.40
C HIS A 75 -26.72 49.26 1.81
N ASN A 76 -27.43 48.17 2.07
CA ASN A 76 -27.41 47.53 3.41
C ASN A 76 -26.62 46.20 3.44
N VAL A 77 -25.85 45.93 2.37
CA VAL A 77 -25.06 44.71 2.29
C VAL A 77 -23.59 45.06 1.92
N ILE A 78 -22.67 44.37 2.57
CA ILE A 78 -21.22 44.53 2.32
C ILE A 78 -20.98 44.27 0.80
N THR A 79 -20.07 45.06 0.19
N THR A 79 -20.01 45.01 0.24
CA THR A 79 -19.69 44.93 -1.20
CA THR A 79 -19.64 44.91 -1.13
C THR A 79 -18.24 44.45 -1.36
C THR A 79 -18.29 44.21 -1.19
N LEU A 80 -18.04 43.54 -2.30
CA LEU A 80 -16.75 42.92 -2.52
C LEU A 80 -15.96 43.81 -3.50
N HIS A 81 -14.66 43.98 -3.20
CA HIS A 81 -13.77 44.72 -4.06
C HIS A 81 -12.88 43.86 -4.94
N ASP A 82 -12.23 42.88 -4.33
CA ASP A 82 -11.26 42.02 -5.04
C ASP A 82 -11.04 40.69 -4.30
N VAL A 83 -10.35 39.76 -4.98
CA VAL A 83 -9.96 38.49 -4.38
C VAL A 83 -8.57 38.08 -4.80
N TYR A 84 -7.76 37.76 -3.81
CA TYR A 84 -6.38 37.29 -3.99
C TYR A 84 -6.27 35.83 -3.45
N GLU A 85 -5.28 35.09 -3.91
CA GLU A 85 -5.03 33.75 -3.39
C GLU A 85 -3.52 33.52 -3.37
N ASN A 86 -3.03 32.95 -2.29
CA ASN A 86 -1.64 32.52 -2.19
C ASN A 86 -1.60 31.08 -1.72
N ARG A 87 -0.43 30.59 -1.32
CA ARG A 87 -0.31 29.17 -1.00
C ARG A 87 -1.23 28.72 0.14
N THR A 88 -1.43 29.59 1.14
CA THR A 88 -2.14 29.20 2.37
C THR A 88 -3.58 29.71 2.46
N ASP A 89 -3.84 30.82 1.78
N ASP A 89 -3.85 30.86 1.82
CA ASP A 89 -5.09 31.57 1.97
CA ASP A 89 -5.10 31.60 2.08
C ASP A 89 -5.77 31.98 0.69
C ASP A 89 -5.73 32.21 0.83
N VAL A 90 -7.06 32.26 0.81
CA VAL A 90 -7.75 33.09 -0.17
C VAL A 90 -8.14 34.34 0.60
N VAL A 91 -7.85 35.51 0.02
CA VAL A 91 -8.01 36.80 0.67
C VAL A 91 -9.10 37.63 -0.08
N LEU A 92 -10.21 37.87 0.62
CA LEU A 92 -11.33 38.67 0.13
C LEU A 92 -11.11 40.14 0.51
N ILE A 93 -11.00 41.05 -0.47
CA ILE A 93 -10.92 42.46 -0.16
C ILE A 93 -12.37 43.03 -0.25
N LEU A 94 -12.86 43.46 0.92
CA LEU A 94 -14.25 43.80 1.16
C LEU A 94 -14.37 45.26 1.57
N GLU A 95 -15.52 45.83 1.34
CA GLU A 95 -15.88 47.11 1.86
C GLU A 95 -15.54 47.18 3.34
N LEU A 96 -14.93 48.30 3.73
CA LEU A 96 -14.60 48.53 5.11
C LEU A 96 -15.81 49.06 5.87
N VAL A 97 -16.17 48.36 6.92
CA VAL A 97 -17.30 48.73 7.72
C VAL A 97 -16.75 48.79 9.15
N SER A 98 -16.49 50.02 9.61
CA SER A 98 -15.63 50.25 10.78
C SER A 98 -16.38 50.90 11.94
N GLY A 99 -17.70 51.08 11.81
CA GLY A 99 -18.53 51.66 12.87
C GLY A 99 -19.00 50.76 13.99
N GLY A 100 -18.49 49.53 14.06
CA GLY A 100 -18.84 48.57 15.12
C GLY A 100 -20.21 47.92 14.96
N GLU A 101 -20.55 47.09 15.93
CA GLU A 101 -21.83 46.38 15.96
C GLU A 101 -22.97 47.33 16.28
N LEU A 102 -24.10 47.12 15.62
CA LEU A 102 -25.31 47.85 15.92
C LEU A 102 -25.59 47.90 17.45
N PHE A 103 -25.52 46.75 18.06
CA PHE A 103 -25.89 46.61 19.45
C PHE A 103 -25.00 47.42 20.36
N ASP A 104 -23.71 47.56 20.04
CA ASP A 104 -22.79 48.38 20.84
C ASP A 104 -23.23 49.85 20.80
N PHE A 105 -23.68 50.30 19.65
CA PHE A 105 -24.15 51.67 19.45
C PHE A 105 -25.47 51.90 20.25
N LEU A 106 -26.39 50.94 20.21
CA LEU A 106 -27.64 51.07 20.91
C LEU A 106 -27.41 51.14 22.42
N ALA A 107 -26.42 50.38 22.89
CA ALA A 107 -26.09 50.31 24.31
C ALA A 107 -25.64 51.64 24.88
N GLN A 108 -25.17 52.52 24.02
CA GLN A 108 -24.68 53.82 24.49
C GLN A 108 -25.72 54.94 24.41
N LYS A 109 -26.93 54.62 23.95
CA LYS A 109 -27.93 55.66 23.71
C LYS A 109 -28.56 56.08 25.01
N GLU A 110 -29.15 57.28 25.03
CA GLU A 110 -29.82 57.76 26.26
C GLU A 110 -31.21 57.18 26.36
N SER A 111 -31.80 56.95 25.22
CA SER A 111 -33.11 56.33 25.14
C SER A 111 -33.31 55.75 23.75
N LEU A 112 -34.24 54.81 23.64
CA LEU A 112 -34.58 54.22 22.36
C LEU A 112 -36.09 53.96 22.28
N SER A 113 -36.74 54.57 21.29
CA SER A 113 -38.16 54.26 21.05
C SER A 113 -38.32 53.10 20.09
N GLU A 114 -39.52 52.56 20.06
CA GLU A 114 -39.80 51.50 19.09
C GLU A 114 -39.82 52.04 17.64
N GLU A 115 -40.15 53.30 17.45
CA GLU A 115 -40.03 53.91 16.12
C GLU A 115 -38.55 53.86 15.68
N GLU A 116 -37.63 54.28 16.56
CA GLU A 116 -36.18 54.23 16.26
C GLU A 116 -35.72 52.78 16.09
N ALA A 117 -36.24 51.90 16.93
CA ALA A 117 -35.85 50.50 16.81
C ALA A 117 -36.23 49.96 15.45
N THR A 118 -37.46 50.24 15.05
CA THR A 118 -37.99 49.74 13.79
C THR A 118 -37.30 50.29 12.56
N SER A 119 -36.69 51.48 12.61
N SER A 119 -36.80 51.52 12.69
CA SER A 119 -35.91 51.99 11.47
CA SER A 119 -35.95 52.12 11.70
C SER A 119 -34.52 51.36 11.37
C SER A 119 -34.79 51.16 11.42
N PHE A 120 -34.05 50.79 12.46
CA PHE A 120 -32.89 49.89 12.38
C PHE A 120 -33.27 48.55 11.86
N ILE A 121 -34.34 47.98 12.38
CA ILE A 121 -34.78 46.67 11.91
C ILE A 121 -35.20 46.77 10.42
N LYS A 122 -35.85 47.84 10.01
CA LYS A 122 -36.21 47.98 8.59
C LYS A 122 -34.96 47.92 7.67
N GLN A 123 -33.85 48.47 8.16
CA GLN A 123 -32.65 48.44 7.33
C GLN A 123 -32.14 47.00 7.14
N ILE A 124 -32.17 46.24 8.20
CA ILE A 124 -31.87 44.80 8.09
C ILE A 124 -32.86 44.12 7.10
N LEU A 125 -34.14 44.45 7.23
CA LEU A 125 -35.18 43.81 6.42
C LEU A 125 -34.97 44.15 4.96
N ASP A 126 -34.58 45.39 4.68
CA ASP A 126 -34.28 45.82 3.30
C ASP A 126 -33.10 45.03 2.72
N GLY A 127 -32.05 44.81 3.50
CA GLY A 127 -30.91 44.05 2.98
C GLY A 127 -31.27 42.57 2.79
N VAL A 128 -32.03 42.01 3.74
CA VAL A 128 -32.49 40.64 3.61
C VAL A 128 -33.46 40.47 2.42
N ASN A 129 -34.35 41.42 2.21
CA ASN A 129 -35.27 41.38 1.05
C ASN A 129 -34.45 41.33 -0.25
N TYR A 130 -33.42 42.14 -0.32
CA TYR A 130 -32.54 42.14 -1.50
C TYR A 130 -31.93 40.79 -1.74
N LEU A 131 -31.41 40.17 -0.67
CA LEU A 131 -30.86 38.82 -0.76
C LEU A 131 -31.91 37.81 -1.17
N HIS A 132 -33.05 37.79 -0.48
CA HIS A 132 -34.07 36.78 -0.74
C HIS A 132 -34.64 36.89 -2.16
N THR A 133 -34.73 38.11 -2.70
CA THR A 133 -35.19 38.30 -4.07
C THR A 133 -34.24 37.61 -5.08
N LYS A 134 -32.96 37.58 -4.73
CA LYS A 134 -31.98 36.84 -5.49
C LYS A 134 -31.82 35.34 -5.07
N LYS A 135 -32.71 34.84 -4.23
CA LYS A 135 -32.73 33.49 -3.78
C LYS A 135 -31.45 33.15 -2.98
N ILE A 136 -30.94 34.16 -2.31
CA ILE A 136 -29.78 33.99 -1.43
C ILE A 136 -30.29 34.00 0.02
N ALA A 137 -30.01 32.92 0.75
CA ALA A 137 -30.13 32.87 2.20
C ALA A 137 -28.80 33.25 2.86
N HIS A 138 -28.86 34.08 3.91
CA HIS A 138 -27.64 34.50 4.60
C HIS A 138 -27.15 33.43 5.54
N PHE A 139 -28.08 32.88 6.33
CA PHE A 139 -27.86 31.75 7.22
C PHE A 139 -26.94 32.03 8.43
N ASP A 140 -26.53 33.28 8.64
CA ASP A 140 -25.75 33.63 9.81
C ASP A 140 -26.16 34.99 10.35
N LEU A 141 -27.46 35.29 10.29
CA LEU A 141 -27.97 36.53 10.87
C LEU A 141 -27.93 36.44 12.40
N LYS A 142 -27.16 37.36 12.96
CA LYS A 142 -27.00 37.47 14.43
C LYS A 142 -26.36 38.83 14.69
N PRO A 143 -26.47 39.40 15.91
CA PRO A 143 -26.03 40.75 16.16
C PRO A 143 -24.58 41.08 15.70
N GLU A 144 -23.61 40.17 15.87
CA GLU A 144 -22.24 40.53 15.47
C GLU A 144 -22.06 40.62 13.97
N ASN A 145 -23.01 40.10 13.19
CA ASN A 145 -22.96 40.35 11.76
C ASN A 145 -23.86 41.50 11.24
N ILE A 146 -24.32 42.32 12.16
CA ILE A 146 -25.09 43.52 11.88
C ILE A 146 -24.23 44.69 12.30
N MET A 147 -23.53 45.25 11.32
CA MET A 147 -22.50 46.25 11.53
C MET A 147 -22.97 47.65 11.06
N LEU A 148 -22.26 48.68 11.48
CA LEU A 148 -22.56 50.06 11.15
C LEU A 148 -21.40 50.65 10.37
N LEU A 149 -21.75 51.45 9.38
CA LEU A 149 -20.69 52.20 8.66
C LEU A 149 -19.96 53.24 9.54
N ASP A 150 -20.73 54.09 10.19
N ASP A 150 -20.75 54.06 10.22
CA ASP A 150 -20.16 55.11 11.04
CA ASP A 150 -20.27 55.27 10.93
C ASP A 150 -21.12 55.45 12.15
C ASP A 150 -21.17 55.49 12.16
N LYS A 151 -20.62 55.32 13.37
CA LYS A 151 -21.44 55.47 14.55
C LYS A 151 -21.67 56.94 14.94
N ASN A 152 -21.15 57.88 14.14
CA ASN A 152 -21.25 59.30 14.50
C ASN A 152 -22.17 60.16 13.61
N ILE A 153 -23.06 59.52 12.84
CA ILE A 153 -24.17 60.23 12.19
C ILE A 153 -25.40 59.98 13.07
N PRO A 154 -26.49 60.72 12.85
CA PRO A 154 -27.54 60.63 13.88
C PRO A 154 -28.18 59.27 13.91
N ILE A 155 -28.46 58.73 12.72
CA ILE A 155 -29.10 57.45 12.57
C ILE A 155 -28.17 56.61 11.69
N PRO A 156 -27.27 55.83 12.32
CA PRO A 156 -26.28 55.03 11.56
C PRO A 156 -26.85 54.03 10.53
N HIS A 157 -26.00 53.78 9.54
CA HIS A 157 -26.34 52.92 8.40
C HIS A 157 -25.83 51.49 8.63
N ILE A 158 -26.76 50.54 8.50
CA ILE A 158 -26.51 49.12 8.72
C ILE A 158 -25.94 48.48 7.48
N LYS A 159 -24.93 47.63 7.66
CA LYS A 159 -24.44 46.69 6.68
C LYS A 159 -24.44 45.27 7.25
N LEU A 160 -25.08 44.35 6.51
CA LEU A 160 -25.00 42.95 6.72
C LEU A 160 -23.65 42.43 6.22
N ILE A 161 -22.96 41.76 7.14
CA ILE A 161 -21.65 41.17 6.81
C ILE A 161 -21.64 39.63 7.00
N ASP A 162 -20.49 39.04 6.65
CA ASP A 162 -20.17 37.64 6.89
C ASP A 162 -21.10 36.62 6.20
N PHE A 163 -20.78 36.41 4.91
CA PHE A 163 -21.49 35.56 4.02
C PHE A 163 -20.87 34.18 4.00
N GLY A 164 -20.15 33.80 5.07
CA GLY A 164 -19.53 32.47 5.13
C GLY A 164 -20.47 31.25 5.13
N LEU A 165 -21.70 31.44 5.55
CA LEU A 165 -22.71 30.39 5.53
C LEU A 165 -23.80 30.64 4.47
N ALA A 166 -23.69 31.71 3.69
CA ALA A 166 -24.76 32.04 2.75
C ALA A 166 -24.85 30.94 1.65
N HIS A 167 -26.02 30.74 1.10
CA HIS A 167 -26.23 29.70 0.12
C HIS A 167 -27.37 30.13 -0.81
N GLU A 168 -27.22 29.82 -2.11
CA GLU A 168 -28.25 30.06 -3.09
C GLU A 168 -29.26 28.94 -3.04
N ILE A 169 -30.53 29.28 -2.89
CA ILE A 169 -31.59 28.27 -2.75
C ILE A 169 -32.05 27.86 -4.13
N GLU A 170 -32.10 26.56 -4.35
N GLU A 170 -32.01 26.57 -4.40
CA GLU A 170 -32.33 26.01 -5.68
CA GLU A 170 -32.29 26.04 -5.75
C GLU A 170 -33.69 25.37 -5.77
C GLU A 170 -33.65 25.37 -5.80
N ASP A 171 -34.42 25.70 -6.85
CA ASP A 171 -35.74 25.10 -7.16
C ASP A 171 -35.73 23.53 -7.01
N GLY A 172 -36.56 23.00 -6.12
CA GLY A 172 -36.79 21.54 -6.03
C GLY A 172 -35.65 20.77 -5.39
N VAL A 173 -34.65 21.49 -4.89
CA VAL A 173 -33.50 20.80 -4.31
C VAL A 173 -33.53 21.01 -2.82
N GLU A 174 -33.36 19.91 -2.08
CA GLU A 174 -33.33 19.94 -0.62
C GLU A 174 -31.89 20.28 -0.15
N PHE A 175 -31.78 21.24 0.73
CA PHE A 175 -30.50 21.61 1.34
C PHE A 175 -30.64 21.35 2.82
N LYS A 176 -29.81 20.44 3.33
CA LYS A 176 -29.77 20.11 4.74
C LYS A 176 -28.35 20.23 5.30
N ASN A 177 -28.25 20.90 6.45
CA ASN A 177 -26.96 21.07 7.10
C ASN A 177 -27.18 21.55 8.54
N ILE A 178 -26.14 21.42 9.36
CA ILE A 178 -26.17 21.91 10.72
C ILE A 178 -25.00 22.86 10.87
N PHE A 179 -25.31 24.10 11.20
CA PHE A 179 -24.32 25.18 11.20
C PHE A 179 -24.88 26.35 12.02
N GLY A 180 -24.03 27.35 12.21
CA GLY A 180 -24.42 28.60 12.90
C GLY A 180 -24.25 28.57 14.42
N THR A 181 -24.69 29.65 15.04
CA THR A 181 -24.64 29.85 16.49
C THR A 181 -25.94 29.43 17.11
N PRO A 182 -25.89 28.41 17.98
CA PRO A 182 -27.13 27.83 18.46
C PRO A 182 -28.23 28.82 18.92
N GLU A 183 -27.87 29.83 19.71
CA GLU A 183 -28.81 30.86 20.12
C GLU A 183 -29.75 31.38 19.01
N PHE A 184 -29.24 31.45 17.80
CA PHE A 184 -29.88 32.21 16.72
C PHE A 184 -30.47 31.34 15.59
N VAL A 185 -30.23 30.03 15.64
CA VAL A 185 -30.67 29.13 14.59
C VAL A 185 -32.09 28.63 14.67
N ALA A 186 -32.75 28.46 13.53
CA ALA A 186 -34.14 28.00 13.45
C ALA A 186 -34.24 26.50 13.77
N PRO A 187 -35.47 26.02 14.14
CA PRO A 187 -35.64 24.60 14.45
C PRO A 187 -35.26 23.63 13.32
N GLU A 188 -35.39 24.06 12.06
CA GLU A 188 -35.09 23.20 10.91
C GLU A 188 -33.58 22.95 10.81
N ILE A 189 -32.77 23.86 11.34
CA ILE A 189 -31.32 23.64 11.43
C ILE A 189 -31.01 22.62 12.49
N VAL A 190 -31.52 22.84 13.73
CA VAL A 190 -31.33 21.88 14.84
C VAL A 190 -31.85 20.46 14.46
N ASN A 191 -32.94 20.43 13.72
CA ASN A 191 -33.60 19.20 13.36
C ASN A 191 -33.13 18.55 12.06
N TYR A 192 -32.11 19.11 11.40
CA TYR A 192 -31.63 18.53 10.16
C TYR A 192 -32.77 18.33 9.16
N GLU A 193 -33.60 19.38 9.03
CA GLU A 193 -34.69 19.43 8.03
C GLU A 193 -34.38 20.38 6.89
N PRO A 194 -35.10 20.30 5.75
CA PRO A 194 -34.83 21.13 4.59
C PRO A 194 -34.84 22.63 4.97
N LEU A 195 -33.84 23.30 4.48
CA LEU A 195 -33.62 24.68 4.78
C LEU A 195 -33.85 25.55 3.55
N GLY A 196 -34.14 26.84 3.82
CA GLY A 196 -34.35 27.80 2.75
C GLY A 196 -34.31 29.17 3.33
N LEU A 197 -34.99 30.12 2.71
CA LEU A 197 -35.00 31.50 3.15
C LEU A 197 -35.68 31.71 4.53
N GLU A 198 -36.54 30.78 4.95
N GLU A 198 -36.56 30.80 4.94
CA GLU A 198 -37.33 30.98 6.16
CA GLU A 198 -37.34 31.01 6.14
C GLU A 198 -36.41 31.07 7.37
C GLU A 198 -36.45 30.99 7.41
N ALA A 199 -35.28 30.35 7.36
CA ALA A 199 -34.41 30.33 8.52
C ALA A 199 -33.95 31.73 8.90
N ASP A 200 -33.69 32.55 7.89
CA ASP A 200 -33.29 34.00 8.11
C ASP A 200 -34.40 34.76 8.82
N MET A 201 -35.65 34.41 8.52
CA MET A 201 -36.77 35.11 9.14
C MET A 201 -36.87 34.82 10.63
N TRP A 202 -36.60 33.56 11.01
CA TRP A 202 -36.53 33.16 12.38
C TRP A 202 -35.45 33.97 13.07
N SER A 203 -34.26 33.99 12.50
CA SER A 203 -33.14 34.71 13.13
C SER A 203 -33.46 36.18 13.34
N ILE A 204 -34.18 36.78 12.38
CA ILE A 204 -34.65 38.16 12.54
C ILE A 204 -35.57 38.27 13.76
N GLY A 205 -36.46 37.29 14.01
CA GLY A 205 -37.28 37.36 15.23
C GLY A 205 -36.44 37.32 16.49
N VAL A 206 -35.40 36.45 16.50
CA VAL A 206 -34.49 36.39 17.63
C VAL A 206 -33.73 37.71 17.90
N ILE A 207 -33.17 38.29 16.85
CA ILE A 207 -32.46 39.56 16.96
C ILE A 207 -33.42 40.63 17.48
N THR A 208 -34.68 40.65 17.01
CA THR A 208 -35.69 41.70 17.37
C THR A 208 -36.03 41.54 18.86
N TYR A 209 -36.21 40.30 19.30
CA TYR A 209 -36.51 40.01 20.68
C TYR A 209 -35.45 40.56 21.61
N ILE A 210 -34.21 40.28 21.25
CA ILE A 210 -33.08 40.80 22.04
C ILE A 210 -33.00 42.29 22.00
N LEU A 211 -33.14 42.89 20.84
CA LEU A 211 -33.03 44.33 20.67
C LEU A 211 -33.98 45.02 21.61
N LEU A 212 -35.20 44.50 21.72
CA LEU A 212 -36.26 45.14 22.45
C LEU A 212 -36.21 44.91 23.96
N SER A 213 -35.48 43.88 24.40
CA SER A 213 -35.61 43.45 25.78
C SER A 213 -34.30 43.24 26.52
N GLY A 214 -33.23 43.01 25.79
CA GLY A 214 -31.97 42.58 26.40
C GLY A 214 -31.88 41.09 26.70
N ALA A 215 -33.01 40.37 26.70
CA ALA A 215 -33.07 38.91 26.91
C ALA A 215 -33.05 38.14 25.59
N SER A 216 -32.72 36.86 25.64
CA SER A 216 -32.68 36.03 24.45
C SER A 216 -33.73 34.95 24.58
N PRO A 217 -34.50 34.71 23.50
CA PRO A 217 -35.71 33.91 23.67
C PRO A 217 -35.50 32.46 24.05
N PHE A 218 -34.47 31.84 23.48
CA PHE A 218 -34.25 30.40 23.63
C PHE A 218 -33.01 30.03 24.40
N LEU A 219 -32.15 31.00 24.69
CA LEU A 219 -30.85 30.71 25.29
C LEU A 219 -30.99 30.09 26.67
N GLY A 220 -30.37 28.93 26.86
CA GLY A 220 -30.36 28.25 28.12
C GLY A 220 -28.99 28.27 28.75
N ASP A 221 -28.86 27.52 29.83
CA ASP A 221 -27.63 27.51 30.63
C ASP A 221 -26.48 26.82 29.91
N THR A 222 -26.85 25.93 28.99
CA THR A 222 -25.89 25.22 28.15
C THR A 222 -26.52 25.00 26.78
N LYS A 223 -25.70 24.52 25.86
CA LYS A 223 -26.19 24.24 24.48
C LYS A 223 -27.34 23.23 24.51
N GLN A 224 -27.21 22.21 25.37
CA GLN A 224 -28.25 21.20 25.47
C GLN A 224 -29.63 21.86 25.72
N GLU A 225 -29.69 22.76 26.71
CA GLU A 225 -30.90 23.51 27.01
C GLU A 225 -31.42 24.39 25.85
N THR A 226 -30.52 25.15 25.25
CA THR A 226 -30.83 26.02 24.10
C THR A 226 -31.48 25.23 22.98
N LEU A 227 -30.86 24.13 22.58
CA LEU A 227 -31.46 23.27 21.51
C LEU A 227 -32.86 22.73 21.80
N ALA A 228 -33.07 22.30 23.03
CA ALA A 228 -34.37 21.87 23.50
C ALA A 228 -35.40 23.05 23.43
N ASN A 229 -34.98 24.24 23.84
CA ASN A 229 -35.88 25.38 23.78
C ASN A 229 -36.28 25.75 22.35
N ILE A 230 -35.31 25.75 21.46
CA ILE A 230 -35.58 26.03 20.06
C ILE A 230 -36.59 25.03 19.47
N THR A 231 -36.32 23.74 19.65
CA THR A 231 -37.06 22.73 18.93
C THR A 231 -38.52 22.63 19.41
N SER A 232 -38.74 23.00 20.67
CA SER A 232 -40.10 23.02 21.28
C SER A 232 -40.73 24.41 21.20
N VAL A 233 -40.03 25.35 20.58
CA VAL A 233 -40.39 26.79 20.52
C VAL A 233 -40.88 27.28 21.87
N SER A 234 -40.05 27.09 22.87
CA SER A 234 -40.31 27.54 24.23
C SER A 234 -39.68 28.87 24.50
N TYR A 235 -40.51 29.92 24.45
CA TYR A 235 -40.08 31.28 24.83
C TYR A 235 -41.25 32.03 25.41
N ASP A 236 -40.94 33.11 26.14
CA ASP A 236 -41.98 33.96 26.71
C ASP A 236 -41.75 35.42 26.44
N PHE A 237 -42.78 36.22 26.76
CA PHE A 237 -42.64 37.65 26.83
C PHE A 237 -42.79 38.05 28.30
N ASP A 238 -41.94 37.54 29.17
CA ASP A 238 -42.05 37.90 30.59
C ASP A 238 -42.06 39.41 30.83
N GLU A 239 -42.96 39.84 31.71
CA GLU A 239 -43.06 41.26 32.04
C GLU A 239 -41.77 41.80 32.59
N GLU A 240 -40.89 40.95 33.11
CA GLU A 240 -39.59 41.45 33.58
C GLU A 240 -38.87 42.21 32.48
N PHE A 241 -38.93 41.67 31.26
CA PHE A 241 -38.20 42.22 30.12
C PHE A 241 -39.09 42.92 29.08
N PHE A 242 -40.39 42.61 29.11
CA PHE A 242 -41.32 43.07 28.08
C PHE A 242 -42.39 44.05 28.53
N SER A 243 -42.22 44.60 29.73
CA SER A 243 -43.24 45.53 30.30
C SER A 243 -43.51 46.78 29.44
N HIS A 244 -42.50 47.23 28.73
CA HIS A 244 -42.58 48.47 27.95
C HIS A 244 -42.94 48.21 26.49
N THR A 245 -43.00 46.94 26.09
CA THR A 245 -43.14 46.59 24.68
C THR A 245 -44.56 46.71 24.12
N SER A 246 -44.71 47.23 22.90
CA SER A 246 -46.04 47.32 22.30
C SER A 246 -46.61 45.96 21.90
N GLU A 247 -47.93 45.86 21.80
CA GLU A 247 -48.53 44.62 21.32
C GLU A 247 -48.14 44.31 19.89
N LEU A 248 -48.07 45.31 19.01
CA LEU A 248 -47.63 45.05 17.65
C LEU A 248 -46.17 44.51 17.57
N ALA A 249 -45.26 44.95 18.44
CA ALA A 249 -43.92 44.43 18.46
C ALA A 249 -43.96 42.97 18.81
N LYS A 250 -44.77 42.59 19.80
CA LYS A 250 -44.90 41.24 20.25
C LYS A 250 -45.50 40.35 19.14
N ASP A 251 -46.43 40.93 18.36
CA ASP A 251 -47.08 40.23 17.28
C ASP A 251 -46.09 39.92 16.14
N PHE A 252 -45.25 40.90 15.84
CA PHE A 252 -44.17 40.79 14.82
C PHE A 252 -43.25 39.61 15.17
N ILE A 253 -42.75 39.62 16.39
CA ILE A 253 -41.94 38.53 16.86
C ILE A 253 -42.65 37.18 16.87
N ARG A 254 -43.89 37.13 17.37
CA ARG A 254 -44.64 35.89 17.44
C ARG A 254 -44.88 35.31 16.05
N LYS A 255 -45.03 36.15 15.05
CA LYS A 255 -45.21 35.67 13.66
C LYS A 255 -43.90 35.18 12.99
N LEU A 256 -42.75 35.42 13.60
CA LEU A 256 -41.43 35.02 13.03
C LEU A 256 -40.90 33.78 13.75
N LEU A 257 -41.25 33.64 15.04
CA LEU A 257 -40.77 32.53 15.87
C LEU A 257 -41.76 31.38 15.83
N VAL A 258 -41.93 30.86 14.62
N VAL A 258 -41.95 30.85 14.64
CA VAL A 258 -42.89 29.81 14.25
CA VAL A 258 -42.84 29.72 14.46
C VAL A 258 -42.10 28.59 13.75
C VAL A 258 -42.12 28.58 13.76
N LYS A 259 -42.39 27.39 14.26
CA LYS A 259 -41.70 26.17 13.79
C LYS A 259 -41.99 25.88 12.32
N GLU A 260 -43.25 25.94 11.92
CA GLU A 260 -43.66 25.49 10.58
C GLU A 260 -43.20 26.52 9.60
N THR A 261 -42.27 26.14 8.72
CA THR A 261 -41.60 27.08 7.83
C THR A 261 -42.59 27.80 6.92
N ARG A 262 -43.63 27.08 6.48
CA ARG A 262 -44.66 27.61 5.60
C ARG A 262 -45.50 28.75 6.22
N LYS A 263 -45.66 28.70 7.54
CA LYS A 263 -46.49 29.63 8.31
C LYS A 263 -45.72 30.88 8.77
N ARG A 264 -44.39 30.80 8.85
CA ARG A 264 -43.51 31.97 9.19
C ARG A 264 -43.65 33.10 8.19
N LEU A 265 -43.56 34.35 8.66
CA LEU A 265 -43.62 35.45 7.74
C LEU A 265 -42.43 35.33 6.81
N THR A 266 -42.69 35.70 5.57
CA THR A 266 -41.68 35.87 4.59
C THR A 266 -41.19 37.31 4.76
N ILE A 267 -40.10 37.63 4.06
CA ILE A 267 -39.45 38.95 4.18
C ILE A 267 -40.42 40.06 3.73
N GLN A 268 -41.21 39.80 2.68
CA GLN A 268 -42.09 40.89 2.20
C GLN A 268 -43.25 41.06 3.18
N GLU A 269 -43.72 39.94 3.76
CA GLU A 269 -44.75 39.98 4.82
C GLU A 269 -44.21 40.73 6.05
N ALA A 270 -42.94 40.49 6.44
CA ALA A 270 -42.34 41.25 7.54
C ALA A 270 -42.30 42.76 7.29
N LEU A 271 -41.92 43.12 6.09
CA LEU A 271 -41.84 44.53 5.68
C LEU A 271 -43.22 45.22 5.77
N ARG A 272 -44.30 44.47 5.52
CA ARG A 272 -45.66 45.04 5.44
C ARG A 272 -46.35 45.03 6.80
N HIS A 273 -45.81 44.26 7.74
CA HIS A 273 -46.38 44.14 9.07
C HIS A 273 -46.55 45.53 9.72
N PRO A 274 -47.68 45.77 10.36
CA PRO A 274 -47.97 47.12 10.87
C PRO A 274 -47.00 47.71 11.90
N TRP A 275 -46.21 46.85 12.56
CA TRP A 275 -45.18 47.37 13.45
C TRP A 275 -44.09 48.09 12.63
N ILE A 276 -43.75 47.54 11.46
CA ILE A 276 -42.76 48.14 10.59
C ILE A 276 -43.35 49.25 9.74
N THR A 277 -44.55 49.02 9.22
CA THR A 277 -45.29 49.92 8.32
C THR A 277 -46.67 50.24 8.89
N PRO A 278 -46.75 51.26 9.74
CA PRO A 278 -48.07 51.59 10.36
C PRO A 278 -49.12 51.94 9.32
N VAL A 279 -50.37 51.57 9.57
CA VAL A 279 -51.46 51.77 8.60
C VAL A 279 -52.15 53.10 8.84
N ASP A 280 -51.96 53.66 10.03
CA ASP A 280 -52.54 54.94 10.35
C ASP A 280 -51.74 55.69 11.43
N ASN A 281 -52.12 56.94 11.63
CA ASN A 281 -51.40 57.78 12.56
C ASN A 281 -51.56 57.32 13.98
N GLN A 282 -52.70 56.73 14.32
CA GLN A 282 -52.94 56.22 15.70
C GLN A 282 -51.88 55.21 16.09
N GLN A 283 -51.69 54.20 15.23
CA GLN A 283 -50.65 53.24 15.38
C GLN A 283 -49.22 53.80 15.35
N ALA A 284 -48.95 54.79 14.51
CA ALA A 284 -47.64 55.42 14.48
C ALA A 284 -47.33 56.07 15.81
N MET A 285 -48.35 56.64 16.44
CA MET A 285 -48.20 57.27 17.76
C MET A 285 -47.86 56.26 18.85
N VAL A 286 -48.59 55.16 18.87
CA VAL A 286 -48.31 54.11 19.82
C VAL A 286 -46.81 53.67 19.71
N ARG A 287 -46.35 53.50 18.48
CA ARG A 287 -45.00 53.00 18.24
C ARG A 287 -43.95 54.05 18.72
N ARG A 288 -44.15 55.32 18.39
CA ARG A 288 -43.30 56.38 18.83
C ARG A 288 -43.19 56.53 20.36
N GLU A 289 -44.26 56.25 21.06
CA GLU A 289 -44.30 56.44 22.50
C GLU A 289 -43.83 55.19 23.25
N SER A 290 -43.64 54.06 22.57
CA SER A 290 -43.18 52.83 23.20
C SER A 290 -41.68 52.91 23.27
N VAL A 291 -41.15 52.65 24.47
CA VAL A 291 -39.71 52.69 24.65
C VAL A 291 -39.13 51.33 24.98
N VAL A 292 -37.85 51.20 24.72
CA VAL A 292 -37.01 50.06 25.08
C VAL A 292 -36.29 50.45 26.39
N ASN A 293 -36.34 49.56 27.36
CA ASN A 293 -35.51 49.69 28.55
C ASN A 293 -34.07 49.35 28.22
N LEU A 294 -33.30 50.39 28.01
CA LEU A 294 -31.90 50.26 27.67
C LEU A 294 -31.03 49.73 28.79
N GLU A 295 -31.47 49.93 30.03
N GLU A 295 -31.43 49.91 30.04
CA GLU A 295 -30.78 49.40 31.22
CA GLU A 295 -30.63 49.39 31.14
C GLU A 295 -30.65 47.89 31.07
C GLU A 295 -30.65 47.86 31.17
N ASN A 296 -31.76 47.24 30.81
CA ASN A 296 -31.76 45.81 30.64
C ASN A 296 -30.94 45.44 29.42
N PHE A 297 -31.07 46.21 28.35
CA PHE A 297 -30.33 45.94 27.15
C PHE A 297 -28.81 46.03 27.39
N ARG A 298 -28.40 47.04 28.15
CA ARG A 298 -26.98 47.30 28.42
C ARG A 298 -26.42 46.24 29.32
N LYS A 299 -27.16 45.96 30.38
CA LYS A 299 -26.80 44.94 31.34
C LYS A 299 -26.37 43.65 30.60
N GLN A 300 -27.26 43.17 29.73
CA GLN A 300 -27.07 41.90 29.05
C GLN A 300 -26.00 41.95 27.94
N TYR A 301 -25.89 43.10 27.25
CA TYR A 301 -24.86 43.27 26.20
C TYR A 301 -23.45 43.28 26.78
N VAL A 302 -23.28 44.00 27.88
CA VAL A 302 -22.01 44.03 28.62
C VAL A 302 -21.60 42.62 29.04
N ARG A 303 -22.56 41.84 29.54
CA ARG A 303 -22.31 40.45 29.95
C ARG A 303 -21.81 39.59 28.80
N ARG A 304 -22.29 39.86 27.58
CA ARG A 304 -21.68 39.30 26.37
C ARG A 304 -20.44 40.12 25.97
N ARG A 305 -19.35 39.95 26.71
CA ARG A 305 -18.06 40.58 26.35
C ARG A 305 -16.95 40.13 27.31
N GLU B 3 -13.24 16.93 47.40
CA GLU B 3 -14.22 17.49 46.42
C GLU B 3 -13.94 18.95 46.00
N PRO B 4 -13.60 19.88 46.94
CA PRO B 4 -13.37 21.26 46.46
C PRO B 4 -12.14 21.49 45.57
N PHE B 5 -12.30 22.38 44.60
CA PHE B 5 -11.16 22.74 43.75
C PHE B 5 -10.17 23.55 44.60
N LYS B 6 -8.87 23.37 44.37
CA LYS B 6 -7.85 24.04 45.20
C LYS B 6 -7.79 25.49 44.83
N GLN B 7 -7.81 26.38 45.81
CA GLN B 7 -7.88 27.83 45.59
C GLN B 7 -6.52 28.50 45.55
N GLN B 8 -5.46 27.74 45.81
CA GLN B 8 -4.07 28.22 45.81
C GLN B 8 -3.61 28.42 44.35
N LYS B 9 -2.56 29.23 44.14
CA LYS B 9 -2.09 29.53 42.75
C LYS B 9 -1.36 28.30 42.28
N VAL B 10 -1.70 27.80 41.10
CA VAL B 10 -1.10 26.58 40.64
C VAL B 10 0.43 26.72 40.48
N GLU B 11 0.87 27.87 39.98
CA GLU B 11 2.29 28.14 39.82
C GLU B 11 3.08 28.18 41.13
N ASP B 12 2.41 28.29 42.28
CA ASP B 12 3.10 28.13 43.56
C ASP B 12 3.48 26.70 43.86
N PHE B 13 2.76 25.76 43.27
CA PHE B 13 3.00 24.34 43.54
C PHE B 13 3.58 23.58 42.35
N TYR B 14 3.54 24.20 41.18
CA TYR B 14 4.00 23.58 39.96
C TYR B 14 4.89 24.49 39.18
N ASP B 15 5.91 23.90 38.60
CA ASP B 15 6.64 24.58 37.54
C ASP B 15 5.89 24.29 36.25
N ILE B 16 5.62 25.33 35.47
CA ILE B 16 4.78 25.27 34.29
C ILE B 16 5.59 25.46 33.02
N GLY B 17 5.44 24.54 32.07
CA GLY B 17 6.31 24.48 30.91
C GLY B 17 5.59 24.72 29.61
N GLU B 18 6.03 23.97 28.60
CA GLU B 18 5.61 24.13 27.21
C GLU B 18 4.19 23.71 26.94
N GLU B 19 3.60 24.34 25.93
CA GLU B 19 2.33 23.92 25.41
C GLU B 19 2.45 22.55 24.76
N LEU B 20 1.45 21.71 25.07
CA LEU B 20 1.35 20.35 24.57
C LEU B 20 0.09 20.19 23.73
N GLY B 21 -0.75 21.21 23.68
CA GLY B 21 -2.07 21.11 23.10
C GLY B 21 -2.91 22.32 23.45
N SER B 22 -3.82 22.68 22.56
CA SER B 22 -4.65 23.87 22.73
C SER B 22 -5.94 23.67 21.99
N GLY B 23 -6.89 23.02 22.66
CA GLY B 23 -8.20 22.69 22.09
C GLY B 23 -9.23 23.80 22.19
N GLN B 24 -10.43 23.43 22.66
CA GLN B 24 -11.60 24.30 22.54
C GLN B 24 -11.42 25.64 23.28
N PHE B 25 -11.81 25.69 24.55
CA PHE B 25 -11.45 26.83 25.41
C PHE B 25 -10.54 26.26 26.48
N ALA B 26 -9.51 25.57 26.02
CA ALA B 26 -8.61 24.83 26.88
C ALA B 26 -7.22 24.80 26.29
N ILE B 27 -6.23 25.06 27.13
CA ILE B 27 -4.85 24.94 26.77
C ILE B 27 -4.16 23.99 27.74
N VAL B 28 -3.35 23.09 27.17
CA VAL B 28 -2.63 22.09 27.95
C VAL B 28 -1.16 22.38 27.93
N LYS B 29 -0.56 22.43 29.11
CA LYS B 29 0.87 22.65 29.25
C LYS B 29 1.55 21.56 30.10
N LYS B 30 2.81 21.30 29.84
CA LYS B 30 3.53 20.40 30.69
C LYS B 30 3.74 21.08 32.04
N CYS B 31 3.84 20.29 33.10
CA CYS B 31 4.18 20.82 34.43
C CYS B 31 4.89 19.77 35.30
N ARG B 32 5.49 20.23 36.41
CA ARG B 32 6.11 19.38 37.40
C ARG B 32 5.71 19.86 38.80
N GLU B 33 5.34 18.93 39.69
CA GLU B 33 4.89 19.31 40.99
C GLU B 33 6.15 19.49 41.77
N LYS B 34 6.34 20.70 42.28
CA LYS B 34 7.58 21.04 43.01
C LYS B 34 7.89 20.06 44.16
N SER B 35 6.87 19.70 44.94
CA SER B 35 7.06 18.91 46.13
C SER B 35 7.59 17.50 45.87
N THR B 36 7.22 16.91 44.74
CA THR B 36 7.58 15.51 44.43
C THR B 36 8.56 15.31 43.27
N GLY B 37 8.69 16.32 42.38
CA GLY B 37 9.51 16.24 41.18
C GLY B 37 8.83 15.58 39.98
N LEU B 38 7.61 15.08 40.21
CA LEU B 38 6.82 14.36 39.21
C LEU B 38 6.19 15.26 38.18
N GLU B 39 6.19 14.80 36.94
CA GLU B 39 5.63 15.50 35.81
C GLU B 39 4.18 15.11 35.51
N TYR B 40 3.46 16.08 34.96
CA TYR B 40 2.00 16.01 34.71
C TYR B 40 1.65 16.94 33.55
N ALA B 41 0.41 16.88 33.10
CA ALA B 41 -0.12 17.82 32.12
C ALA B 41 -1.16 18.69 32.82
N ALA B 42 -1.04 20.00 32.62
CA ALA B 42 -1.98 20.97 33.18
C ALA B 42 -2.93 21.47 32.09
N LYS B 43 -4.20 21.15 32.23
CA LYS B 43 -5.24 21.60 31.31
C LYS B 43 -5.97 22.80 31.86
N PHE B 44 -5.81 23.95 31.22
CA PHE B 44 -6.34 25.21 31.71
C PHE B 44 -7.60 25.47 30.91
N ILE B 45 -8.72 25.52 31.60
CA ILE B 45 -10.02 25.63 31.00
C ILE B 45 -10.55 27.01 31.39
N LYS B 46 -10.76 27.84 30.38
CA LYS B 46 -11.32 29.18 30.57
C LYS B 46 -12.76 29.11 31.02
N LYS B 47 -13.07 29.78 32.14
CA LYS B 47 -14.42 29.85 32.59
C LYS B 47 -15.23 30.90 31.82
N ARG B 48 -16.45 30.52 31.48
CA ARG B 48 -17.42 31.40 30.87
C ARG B 48 -17.81 32.48 31.86
N GLN B 49 -18.15 33.66 31.35
CA GLN B 49 -18.56 34.79 32.20
C GLN B 49 -20.07 35.00 32.21
N SER B 50 -20.77 34.43 31.23
CA SER B 50 -22.22 34.58 31.09
C SER B 50 -22.72 33.57 30.07
N ARG B 51 -23.97 33.12 30.24
CA ARG B 51 -24.56 32.09 29.38
C ARG B 51 -24.45 32.36 27.87
N ALA B 52 -24.47 33.62 27.49
CA ALA B 52 -24.12 34.01 26.13
C ALA B 52 -22.91 34.88 26.22
N SER B 53 -21.87 34.39 26.89
CA SER B 53 -20.55 34.92 26.66
C SER B 53 -20.16 34.26 25.37
N ARG B 54 -19.51 35.02 24.51
CA ARG B 54 -18.97 34.49 23.26
C ARG B 54 -18.07 33.27 23.56
N ARG B 55 -17.19 33.42 24.55
CA ARG B 55 -16.21 32.39 24.87
C ARG B 55 -16.25 31.89 26.32
N GLY B 56 -15.48 30.83 26.55
CA GLY B 56 -15.35 30.18 27.85
C GLY B 56 -16.23 28.95 27.95
N VAL B 57 -16.17 28.27 29.08
CA VAL B 57 -16.91 27.05 29.32
C VAL B 57 -17.77 27.18 30.58
N SER B 58 -19.02 26.71 30.51
CA SER B 58 -19.96 26.78 31.65
C SER B 58 -19.42 26.00 32.86
N ARG B 59 -19.90 26.36 34.04
CA ARG B 59 -19.54 25.66 35.27
C ARG B 59 -20.06 24.24 35.25
N GLU B 60 -21.27 24.07 34.73
CA GLU B 60 -21.89 22.75 34.58
C GLU B 60 -20.95 21.81 33.85
N GLU B 61 -20.38 22.29 32.74
CA GLU B 61 -19.54 21.46 31.88
C GLU B 61 -18.20 21.15 32.55
N ILE B 62 -17.59 22.13 33.20
CA ILE B 62 -16.36 21.88 33.92
C ILE B 62 -16.58 20.82 35.06
N GLU B 63 -17.59 21.06 35.88
CA GLU B 63 -17.90 20.16 36.97
C GLU B 63 -18.19 18.73 36.49
N ARG B 64 -18.82 18.61 35.32
N ARG B 64 -18.82 18.60 35.32
CA ARG B 64 -19.12 17.30 34.77
CA ARG B 64 -19.10 17.30 34.77
C ARG B 64 -17.84 16.57 34.34
C ARG B 64 -17.78 16.59 34.41
N GLU B 65 -16.92 17.27 33.66
CA GLU B 65 -15.66 16.66 33.27
C GLU B 65 -14.86 16.20 34.52
N VAL B 66 -14.78 17.05 35.51
CA VAL B 66 -14.09 16.72 36.73
C VAL B 66 -14.71 15.57 37.50
N SER B 67 -16.02 15.62 37.60
CA SER B 67 -16.75 14.57 38.26
C SER B 67 -16.45 13.18 37.64
N ILE B 68 -16.51 13.13 36.31
CA ILE B 68 -16.24 11.90 35.56
C ILE B 68 -14.80 11.45 35.74
N LEU B 69 -13.85 12.39 35.57
CA LEU B 69 -12.41 12.10 35.75
C LEU B 69 -12.11 11.55 37.13
N ARG B 70 -12.79 12.08 38.13
CA ARG B 70 -12.58 11.62 39.50
C ARG B 70 -12.98 10.15 39.73
N GLN B 71 -13.88 9.66 38.89
CA GLN B 71 -14.41 8.29 38.99
C GLN B 71 -13.58 7.25 38.29
N VAL B 72 -12.73 7.68 37.33
CA VAL B 72 -12.13 6.70 36.42
C VAL B 72 -10.68 6.38 36.75
N LEU B 73 -10.42 5.10 37.01
CA LEU B 73 -9.07 4.63 37.33
C LEU B 73 -8.83 3.31 36.63
N HIS B 74 -8.16 3.40 35.49
CA HIS B 74 -7.96 2.23 34.63
C HIS B 74 -6.70 2.44 33.80
N HIS B 75 -6.00 1.34 33.48
CA HIS B 75 -4.74 1.44 32.76
C HIS B 75 -4.84 1.96 31.34
N ASN B 76 -6.05 1.98 30.76
CA ASN B 76 -6.23 2.58 29.40
C ASN B 76 -6.95 3.94 29.40
N VAL B 77 -7.04 4.57 30.56
CA VAL B 77 -7.80 5.81 30.74
C VAL B 77 -6.91 6.80 31.48
N ILE B 78 -6.86 8.04 30.99
CA ILE B 78 -6.04 9.07 31.66
C ILE B 78 -6.49 9.21 33.10
N THR B 79 -5.52 9.53 33.98
CA THR B 79 -5.79 9.63 35.42
C THR B 79 -5.63 11.06 35.89
N LEU B 80 -6.63 11.57 36.58
CA LEU B 80 -6.59 12.91 37.17
C LEU B 80 -5.77 12.93 38.43
N HIS B 81 -4.96 13.95 38.57
CA HIS B 81 -4.14 14.13 39.79
C HIS B 81 -4.75 15.14 40.79
N ASP B 82 -5.16 16.29 40.26
CA ASP B 82 -5.62 17.39 41.15
C ASP B 82 -6.39 18.43 40.34
N VAL B 83 -7.06 19.33 41.04
CA VAL B 83 -7.80 20.42 40.39
C VAL B 83 -7.60 21.72 41.18
N TYR B 84 -7.31 22.77 40.42
CA TYR B 84 -7.14 24.13 40.93
C TYR B 84 -8.08 25.07 40.23
N GLU B 85 -8.51 26.11 40.92
CA GLU B 85 -9.33 27.15 40.30
C GLU B 85 -8.80 28.53 40.67
N ASN B 86 -8.79 29.41 39.67
CA ASN B 86 -8.51 30.84 39.91
C ASN B 86 -9.64 31.70 39.32
N ARG B 87 -9.49 33.04 39.28
CA ARG B 87 -10.62 33.84 38.76
C ARG B 87 -10.96 33.55 37.30
N THR B 88 -9.95 33.12 36.56
N THR B 88 -9.98 33.13 36.52
CA THR B 88 -10.03 33.00 35.12
CA THR B 88 -10.20 32.99 35.08
C THR B 88 -10.37 31.58 34.67
C THR B 88 -10.32 31.55 34.60
N ASP B 89 -9.66 30.62 35.26
CA ASP B 89 -9.60 29.25 34.77
C ASP B 89 -9.81 28.23 35.87
N VAL B 90 -10.25 27.05 35.48
CA VAL B 90 -10.17 25.83 36.27
C VAL B 90 -9.05 25.01 35.61
N VAL B 91 -8.14 24.53 36.45
CA VAL B 91 -6.92 23.86 35.96
C VAL B 91 -6.92 22.41 36.44
N LEU B 92 -6.95 21.49 35.46
CA LEU B 92 -6.90 20.06 35.71
C LEU B 92 -5.43 19.60 35.57
N ILE B 93 -4.91 19.02 36.63
CA ILE B 93 -3.62 18.36 36.65
C ILE B 93 -3.87 16.85 36.36
N LEU B 94 -3.43 16.46 35.17
CA LEU B 94 -3.68 15.15 34.62
C LEU B 94 -2.37 14.38 34.46
N GLU B 95 -2.48 13.06 34.39
CA GLU B 95 -1.41 12.18 33.98
C GLU B 95 -0.80 12.69 32.71
N LEU B 96 0.53 12.79 32.68
CA LEU B 96 1.25 13.17 31.50
C LEU B 96 1.43 11.95 30.58
N VAL B 97 0.86 12.06 29.37
CA VAL B 97 0.92 11.03 28.37
C VAL B 97 1.71 11.58 27.18
N SER B 98 2.95 11.13 27.05
CA SER B 98 4.01 11.76 26.21
C SER B 98 4.39 11.00 24.97
N GLY B 99 3.75 9.86 24.70
CA GLY B 99 4.14 9.02 23.58
C GLY B 99 3.50 9.35 22.25
N GLY B 100 2.69 10.41 22.20
CA GLY B 100 2.04 10.80 20.97
C GLY B 100 0.78 9.99 20.65
N GLU B 101 0.18 10.32 19.50
CA GLU B 101 -1.03 9.70 19.01
C GLU B 101 -0.74 8.30 18.47
N LEU B 102 -1.66 7.37 18.69
CA LEU B 102 -1.49 6.04 18.20
C LEU B 102 -1.21 6.02 16.71
N PHE B 103 -2.02 6.77 15.95
CA PHE B 103 -1.90 6.72 14.50
C PHE B 103 -0.50 7.17 14.03
N ASP B 104 0.12 8.10 14.76
CA ASP B 104 1.46 8.54 14.38
C ASP B 104 2.48 7.42 14.55
N PHE B 105 2.36 6.64 15.60
CA PHE B 105 3.17 5.45 15.77
C PHE B 105 2.93 4.44 14.68
N LEU B 106 1.66 4.22 14.35
CA LEU B 106 1.36 3.22 13.33
C LEU B 106 1.91 3.61 11.99
N ALA B 107 1.92 4.91 11.71
CA ALA B 107 2.37 5.43 10.47
C ALA B 107 3.86 5.26 10.24
N GLN B 108 4.64 5.00 11.29
N GLN B 108 4.64 4.99 11.29
CA GLN B 108 6.09 4.79 11.14
CA GLN B 108 6.10 4.79 11.10
C GLN B 108 6.46 3.34 10.90
C GLN B 108 6.49 3.32 11.10
N LYS B 109 5.50 2.44 11.09
CA LYS B 109 5.77 1.04 11.03
C LYS B 109 6.07 0.63 9.58
N GLU B 110 6.86 -0.42 9.46
CA GLU B 110 7.13 -1.02 8.15
C GLU B 110 6.07 -2.03 7.75
N SER B 111 5.52 -2.71 8.76
N SER B 111 5.55 -2.76 8.71
CA SER B 111 4.63 -3.87 8.62
CA SER B 111 4.45 -3.64 8.45
C SER B 111 3.54 -3.83 9.70
C SER B 111 3.48 -3.59 9.61
N LEU B 112 2.26 -4.01 9.36
CA LEU B 112 1.22 -4.14 10.40
C LEU B 112 0.20 -5.20 10.06
N SER B 113 0.12 -6.29 10.83
CA SER B 113 -0.86 -7.32 10.61
C SER B 113 -2.17 -6.98 11.33
N GLU B 114 -3.26 -7.64 10.94
CA GLU B 114 -4.52 -7.42 11.65
C GLU B 114 -4.41 -7.89 13.11
N GLU B 115 -3.65 -8.97 13.37
CA GLU B 115 -3.45 -9.42 14.75
C GLU B 115 -2.84 -8.26 15.56
N GLU B 116 -1.83 -7.60 15.03
CA GLU B 116 -1.26 -6.43 15.71
C GLU B 116 -2.29 -5.31 15.85
N ALA B 117 -3.06 -5.08 14.81
CA ALA B 117 -4.02 -3.99 14.86
C ALA B 117 -5.06 -4.25 15.96
N THR B 118 -5.54 -5.49 16.06
CA THR B 118 -6.48 -5.87 17.07
C THR B 118 -5.84 -5.72 18.46
N SER B 119 -4.53 -5.91 18.56
N SER B 119 -4.53 -5.84 18.59
CA SER B 119 -3.89 -5.68 19.84
CA SER B 119 -3.89 -5.64 19.89
C SER B 119 -4.28 -4.27 20.33
C SER B 119 -3.90 -4.18 20.40
N PHE B 120 -4.06 -3.25 19.49
CA PHE B 120 -4.34 -1.84 19.81
C PHE B 120 -5.84 -1.60 19.98
N ILE B 121 -6.66 -2.16 19.08
CA ILE B 121 -8.10 -1.96 19.18
C ILE B 121 -8.66 -2.53 20.50
N LYS B 122 -8.13 -3.67 20.91
CA LYS B 122 -8.62 -4.29 22.14
C LYS B 122 -8.34 -3.40 23.36
N GLN B 123 -7.19 -2.71 23.35
CA GLN B 123 -6.86 -1.72 24.38
C GLN B 123 -7.92 -0.61 24.48
N ILE B 124 -8.33 -0.10 23.32
CA ILE B 124 -9.41 0.88 23.27
C ILE B 124 -10.68 0.25 23.84
N LEU B 125 -11.02 -0.96 23.38
CA LEU B 125 -12.24 -1.63 23.84
C LEU B 125 -12.22 -1.87 25.35
N ASP B 126 -11.05 -2.20 25.89
CA ASP B 126 -10.95 -2.39 27.33
C ASP B 126 -11.24 -1.12 28.13
N GLY B 127 -10.64 -0.02 27.68
CA GLY B 127 -10.92 1.31 28.22
C GLY B 127 -12.39 1.67 28.15
N VAL B 128 -12.97 1.45 26.98
CA VAL B 128 -14.38 1.80 26.81
C VAL B 128 -15.29 0.90 27.62
N ASN B 129 -14.90 -0.36 27.76
CA ASN B 129 -15.67 -1.29 28.55
C ASN B 129 -15.72 -0.82 30.00
N TYR B 130 -14.58 -0.41 30.52
CA TYR B 130 -14.51 0.17 31.88
C TYR B 130 -15.43 1.40 32.07
N LEU B 131 -15.43 2.30 31.11
CA LEU B 131 -16.34 3.44 31.16
C LEU B 131 -17.78 3.06 31.08
N HIS B 132 -18.13 2.21 30.13
CA HIS B 132 -19.53 1.82 29.90
C HIS B 132 -20.12 1.10 31.09
N THR B 133 -19.26 0.34 31.78
CA THR B 133 -19.75 -0.41 32.93
C THR B 133 -20.18 0.59 34.02
N LYS B 134 -19.53 1.73 34.04
CA LYS B 134 -19.86 2.83 34.94
C LYS B 134 -20.89 3.80 34.38
N LYS B 135 -21.51 3.40 33.26
CA LYS B 135 -22.47 4.19 32.53
C LYS B 135 -21.95 5.55 32.08
N ILE B 136 -20.66 5.65 31.78
CA ILE B 136 -20.03 6.85 31.21
C ILE B 136 -19.82 6.69 29.71
N ALA B 137 -20.50 7.52 28.93
CA ALA B 137 -20.19 7.68 27.52
C ALA B 137 -19.02 8.68 27.34
N HIS B 138 -18.04 8.31 26.54
CA HIS B 138 -16.90 9.21 26.28
C HIS B 138 -17.35 10.36 25.37
N PHE B 139 -18.02 10.00 24.28
CA PHE B 139 -18.64 10.96 23.35
C PHE B 139 -17.65 11.81 22.50
N ASP B 140 -16.34 11.56 22.56
CA ASP B 140 -15.40 12.18 21.64
C ASP B 140 -14.29 11.17 21.26
N LEU B 141 -14.69 9.92 20.98
CA LEU B 141 -13.69 8.95 20.56
C LEU B 141 -13.31 9.21 19.09
N LYS B 142 -12.03 9.51 18.87
CA LYS B 142 -11.47 9.83 17.55
C LYS B 142 -9.96 9.67 17.69
N PRO B 143 -9.26 9.52 16.57
CA PRO B 143 -7.85 9.20 16.67
C PRO B 143 -7.04 10.13 17.52
N GLU B 144 -7.31 11.43 17.50
CA GLU B 144 -6.45 12.35 18.27
C GLU B 144 -6.58 12.22 19.80
N ASN B 145 -7.62 11.54 20.27
CA ASN B 145 -7.79 11.26 21.71
C ASN B 145 -7.33 9.87 22.14
N ILE B 146 -6.68 9.15 21.24
CA ILE B 146 -6.13 7.82 21.51
C ILE B 146 -4.61 8.00 21.53
N MET B 147 -4.07 8.14 22.73
CA MET B 147 -2.66 8.47 22.93
C MET B 147 -1.86 7.28 23.45
N LEU B 148 -0.53 7.41 23.37
CA LEU B 148 0.42 6.37 23.83
C LEU B 148 1.24 6.84 25.00
N LEU B 149 1.48 5.97 25.98
CA LEU B 149 2.47 6.32 27.03
C LEU B 149 3.91 6.45 26.52
N ASP B 150 4.33 5.50 25.71
CA ASP B 150 5.77 5.35 25.37
C ASP B 150 5.91 4.61 24.04
N LYS B 151 6.44 5.30 23.03
CA LYS B 151 6.67 4.76 21.68
C LYS B 151 7.72 3.65 21.63
N ASN B 152 8.56 3.56 22.65
CA ASN B 152 9.76 2.72 22.57
C ASN B 152 9.63 1.33 23.25
N ILE B 153 8.41 0.86 23.50
CA ILE B 153 8.19 -0.55 23.87
C ILE B 153 7.61 -1.28 22.65
N PRO B 154 7.74 -2.62 22.58
CA PRO B 154 7.31 -3.36 21.38
C PRO B 154 5.91 -3.02 20.98
N ILE B 155 4.99 -3.09 21.92
CA ILE B 155 3.60 -2.82 21.63
C ILE B 155 3.10 -1.72 22.59
N PRO B 156 3.13 -0.45 22.17
CA PRO B 156 2.76 0.67 23.07
C PRO B 156 1.39 0.59 23.78
N HIS B 157 1.32 1.27 24.91
CA HIS B 157 0.15 1.24 25.79
C HIS B 157 -0.71 2.47 25.54
N ILE B 158 -2.00 2.23 25.31
CA ILE B 158 -2.97 3.23 24.98
C ILE B 158 -3.59 3.88 26.20
N LYS B 159 -3.78 5.19 26.10
CA LYS B 159 -4.55 6.03 27.05
C LYS B 159 -5.60 6.83 26.29
N LEU B 160 -6.86 6.61 26.65
CA LEU B 160 -7.98 7.44 26.23
C LEU B 160 -7.92 8.73 27.01
N ILE B 161 -7.95 9.82 26.27
CA ILE B 161 -7.88 11.15 26.87
C ILE B 161 -9.11 11.98 26.47
N ASP B 162 -9.22 13.18 27.01
CA ASP B 162 -10.16 14.20 26.60
C ASP B 162 -11.62 13.90 26.87
N PHE B 163 -11.99 14.08 28.15
CA PHE B 163 -13.32 13.81 28.66
C PHE B 163 -14.23 15.05 28.64
N GLY B 164 -13.93 15.99 27.74
CA GLY B 164 -14.65 17.26 27.66
C GLY B 164 -16.10 17.13 27.20
N LEU B 165 -16.42 16.07 26.51
CA LEU B 165 -17.78 15.79 26.09
C LEU B 165 -18.42 14.60 26.82
N ALA B 166 -17.67 13.98 27.74
CA ALA B 166 -18.18 12.80 28.38
C ALA B 166 -19.43 13.09 29.20
N HIS B 167 -20.28 12.09 29.33
CA HIS B 167 -21.55 12.24 30.04
C HIS B 167 -22.00 10.92 30.67
N GLU B 168 -22.48 11.02 31.90
CA GLU B 168 -23.11 9.89 32.56
C GLU B 168 -24.49 9.61 31.95
N ILE B 169 -24.72 8.36 31.60
CA ILE B 169 -25.98 7.98 30.99
C ILE B 169 -26.94 7.44 32.05
N GLU B 170 -28.03 8.17 32.33
CA GLU B 170 -29.01 7.80 33.38
C GLU B 170 -30.20 7.07 32.79
N ASP B 171 -30.52 5.93 33.37
CA ASP B 171 -31.68 5.15 32.90
C ASP B 171 -32.96 6.00 32.99
N GLY B 172 -33.77 5.97 31.93
CA GLY B 172 -35.02 6.72 31.87
C GLY B 172 -34.92 8.23 31.69
N VAL B 173 -33.70 8.79 31.59
CA VAL B 173 -33.57 10.23 31.44
C VAL B 173 -32.95 10.45 30.08
N GLU B 174 -33.70 11.09 29.20
CA GLU B 174 -33.26 11.31 27.80
C GLU B 174 -32.21 12.40 27.75
N PHE B 175 -31.14 12.11 27.01
CA PHE B 175 -30.05 13.06 26.82
C PHE B 175 -29.98 13.27 25.31
N LYS B 176 -30.17 14.51 24.85
CA LYS B 176 -30.08 14.87 23.44
C LYS B 176 -29.25 16.12 23.32
N ASN B 177 -28.37 16.10 22.33
CA ASN B 177 -27.47 17.22 22.13
C ASN B 177 -26.78 17.01 20.81
N ILE B 178 -26.19 18.07 20.28
CA ILE B 178 -25.41 18.03 19.04
C ILE B 178 -23.98 18.53 19.30
N PHE B 179 -22.98 17.66 19.09
CA PHE B 179 -21.61 17.95 19.49
C PHE B 179 -20.69 16.99 18.73
N GLY B 180 -19.38 17.18 18.89
CA GLY B 180 -18.36 16.28 18.37
C GLY B 180 -17.85 16.70 16.99
N THR B 181 -16.97 15.89 16.45
CA THR B 181 -16.35 16.09 15.16
C THR B 181 -17.17 15.32 14.14
N PRO B 182 -17.78 16.02 13.14
CA PRO B 182 -18.67 15.34 12.20
C PRO B 182 -18.19 13.99 11.66
N GLU B 183 -16.96 13.91 11.16
CA GLU B 183 -16.40 12.65 10.63
C GLU B 183 -16.71 11.43 11.53
N PHE B 184 -16.74 11.64 12.87
CA PHE B 184 -16.77 10.56 13.88
C PHE B 184 -18.07 10.36 14.63
N VAL B 185 -19.07 11.22 14.40
CA VAL B 185 -20.29 11.17 15.18
C VAL B 185 -21.34 10.24 14.58
N ALA B 186 -22.08 9.61 15.48
CA ALA B 186 -23.10 8.65 15.11
C ALA B 186 -24.37 9.37 14.53
N PRO B 187 -25.21 8.64 13.78
CA PRO B 187 -26.43 9.28 13.27
C PRO B 187 -27.33 9.92 14.31
N GLU B 188 -27.43 9.35 15.52
CA GLU B 188 -28.30 9.93 16.52
C GLU B 188 -27.89 11.25 17.03
N ILE B 189 -26.59 11.55 16.85
CA ILE B 189 -26.11 12.87 17.11
C ILE B 189 -26.60 13.82 16.01
N VAL B 190 -26.29 13.50 14.77
CA VAL B 190 -26.75 14.31 13.63
C VAL B 190 -28.28 14.58 13.65
N ASN B 191 -29.03 13.52 13.93
CA ASN B 191 -30.47 13.54 13.87
C ASN B 191 -31.15 14.06 15.14
N TYR B 192 -30.35 14.47 16.13
CA TYR B 192 -30.92 15.01 17.36
C TYR B 192 -31.96 14.01 18.01
N GLU B 193 -31.51 12.77 18.15
CA GLU B 193 -32.25 11.69 18.78
C GLU B 193 -31.58 11.28 20.08
N PRO B 194 -32.27 10.53 20.94
CA PRO B 194 -31.74 10.12 22.24
C PRO B 194 -30.36 9.46 22.12
N LEU B 195 -29.47 9.87 23.01
CA LEU B 195 -28.08 9.40 23.06
C LEU B 195 -27.86 8.47 24.22
N GLY B 196 -26.85 7.61 24.07
CA GLY B 196 -26.42 6.75 25.16
C GLY B 196 -25.06 6.21 24.86
N LEU B 197 -24.78 5.02 25.35
CA LEU B 197 -23.44 4.39 25.19
C LEU B 197 -23.18 3.95 23.74
N GLU B 198 -24.22 3.83 22.94
CA GLU B 198 -24.09 3.31 21.58
C GLU B 198 -23.27 4.22 20.65
N ALA B 199 -23.32 5.52 20.86
CA ALA B 199 -22.60 6.44 19.98
C ALA B 199 -21.10 6.13 19.98
N ASP B 200 -20.59 5.79 21.16
CA ASP B 200 -19.16 5.44 21.28
C ASP B 200 -18.81 4.24 20.39
N MET B 201 -19.74 3.29 20.29
CA MET B 201 -19.52 2.06 19.53
C MET B 201 -19.41 2.38 18.02
N TRP B 202 -20.28 3.26 17.52
CA TRP B 202 -20.18 3.78 16.16
C TRP B 202 -18.78 4.37 15.90
N SER B 203 -18.36 5.26 16.79
CA SER B 203 -17.03 5.95 16.68
C SER B 203 -15.88 4.93 16.64
N ILE B 204 -15.97 3.82 17.39
CA ILE B 204 -15.02 2.74 17.35
C ILE B 204 -15.01 2.12 15.94
N GLY B 205 -16.18 1.86 15.36
CA GLY B 205 -16.21 1.38 13.99
C GLY B 205 -15.48 2.31 13.03
N VAL B 206 -15.74 3.61 13.16
CA VAL B 206 -15.04 4.59 12.29
C VAL B 206 -13.51 4.53 12.45
N ILE B 207 -13.07 4.54 13.70
CA ILE B 207 -11.66 4.46 14.02
C ILE B 207 -11.04 3.20 13.41
N THR B 208 -11.79 2.08 13.52
CA THR B 208 -11.30 0.80 13.01
C THR B 208 -11.15 0.86 11.50
N TYR B 209 -12.16 1.41 10.86
CA TYR B 209 -12.13 1.54 9.39
C TYR B 209 -10.92 2.32 8.90
N ILE B 210 -10.65 3.44 9.56
CA ILE B 210 -9.49 4.27 9.28
C ILE B 210 -8.18 3.55 9.56
N LEU B 211 -8.07 2.89 10.70
CA LEU B 211 -6.84 2.20 11.06
C LEU B 211 -6.45 1.20 9.98
N LEU B 212 -7.45 0.47 9.47
CA LEU B 212 -7.17 -0.62 8.55
C LEU B 212 -6.94 -0.18 7.12
N SER B 213 -7.39 1.02 6.75
CA SER B 213 -7.40 1.42 5.35
C SER B 213 -6.74 2.72 5.00
N GLY B 214 -6.62 3.65 5.94
CA GLY B 214 -6.30 5.04 5.66
C GLY B 214 -7.50 5.87 5.21
N ALA B 215 -8.60 5.22 4.81
CA ALA B 215 -9.76 5.93 4.25
C ALA B 215 -10.75 6.17 5.42
N SER B 216 -11.67 7.13 5.28
CA SER B 216 -12.69 7.41 6.27
C SER B 216 -14.09 7.10 5.68
N PRO B 217 -14.96 6.41 6.49
CA PRO B 217 -16.13 5.84 5.86
C PRO B 217 -17.13 6.88 5.35
N PHE B 218 -17.28 7.97 6.08
CA PHE B 218 -18.38 8.90 5.77
C PHE B 218 -17.92 10.27 5.39
N LEU B 219 -16.65 10.49 5.46
CA LEU B 219 -16.10 11.82 5.17
C LEU B 219 -16.35 12.28 3.73
N GLY B 220 -17.07 13.41 3.57
CA GLY B 220 -17.34 13.94 2.25
C GLY B 220 -16.43 15.14 1.99
N ASP B 221 -16.69 15.83 0.89
CA ASP B 221 -15.87 16.99 0.52
C ASP B 221 -16.16 18.19 1.40
N THR B 222 -17.34 18.23 2.00
CA THR B 222 -17.74 19.27 2.95
C THR B 222 -18.57 18.62 4.05
N LYS B 223 -18.81 19.41 5.10
CA LYS B 223 -19.67 18.92 6.23
C LYS B 223 -21.03 18.50 5.74
N GLN B 224 -21.64 19.28 4.84
CA GLN B 224 -22.96 18.91 4.30
C GLN B 224 -22.95 17.49 3.77
N GLU B 225 -21.96 17.15 2.97
CA GLU B 225 -21.87 15.77 2.42
C GLU B 225 -21.64 14.72 3.54
N THR B 226 -20.70 15.01 4.47
CA THR B 226 -20.47 14.12 5.62
C THR B 226 -21.71 13.79 6.39
N LEU B 227 -22.54 14.80 6.67
CA LEU B 227 -23.71 14.60 7.46
C LEU B 227 -24.72 13.77 6.68
N ALA B 228 -24.85 14.01 5.38
CA ALA B 228 -25.74 13.18 4.56
C ALA B 228 -25.24 11.72 4.49
N ASN B 229 -23.92 11.53 4.42
CA ASN B 229 -23.35 10.18 4.39
C ASN B 229 -23.65 9.41 5.67
N ILE B 230 -23.45 10.10 6.78
CA ILE B 230 -23.67 9.53 8.13
C ILE B 230 -25.14 9.09 8.29
N THR B 231 -26.04 10.01 8.00
CA THR B 231 -27.43 9.77 8.24
C THR B 231 -28.04 8.74 7.32
N SER B 232 -27.46 8.56 6.12
CA SER B 232 -27.89 7.46 5.20
C SER B 232 -27.05 6.15 5.33
N VAL B 233 -26.08 6.18 6.24
CA VAL B 233 -25.17 5.07 6.46
C VAL B 233 -24.56 4.64 5.15
N SER B 234 -24.05 5.63 4.42
N SER B 234 -24.03 5.62 4.44
CA SER B 234 -23.44 5.42 3.10
CA SER B 234 -23.43 5.40 3.12
C SER B 234 -21.91 5.29 3.23
C SER B 234 -21.91 5.29 3.23
N TYR B 235 -21.41 4.07 3.09
CA TYR B 235 -19.94 3.79 3.11
C TYR B 235 -19.66 2.59 2.24
N ASP B 236 -18.41 2.37 1.91
CA ASP B 236 -18.02 1.21 1.14
C ASP B 236 -16.75 0.57 1.69
N PHE B 237 -16.38 -0.60 1.21
CA PHE B 237 -15.07 -1.20 1.42
C PHE B 237 -14.39 -1.28 0.00
N ASP B 238 -14.25 -0.11 -0.66
CA ASP B 238 -13.56 0.07 -1.94
C ASP B 238 -12.28 -0.77 -1.96
N GLU B 239 -12.11 -1.60 -2.98
CA GLU B 239 -10.92 -2.47 -3.07
C GLU B 239 -9.63 -1.67 -3.09
N GLU B 240 -9.73 -0.38 -3.43
CA GLU B 240 -8.53 0.47 -3.49
C GLU B 240 -7.87 0.49 -2.11
N PHE B 241 -8.71 0.51 -1.10
CA PHE B 241 -8.35 0.63 0.29
C PHE B 241 -8.48 -0.65 1.14
N PHE B 242 -9.36 -1.56 0.73
CA PHE B 242 -9.69 -2.79 1.48
C PHE B 242 -9.27 -4.14 0.84
N SER B 243 -8.39 -4.11 -0.16
CA SER B 243 -8.00 -5.36 -0.89
C SER B 243 -7.25 -6.36 0.00
N HIS B 244 -6.65 -5.87 1.07
CA HIS B 244 -5.93 -6.68 2.03
C HIS B 244 -6.72 -7.16 3.26
N THR B 245 -7.93 -6.66 3.40
CA THR B 245 -8.65 -6.75 4.65
C THR B 245 -9.43 -8.03 4.72
N SER B 246 -9.38 -8.65 5.88
CA SER B 246 -10.12 -9.87 6.10
C SER B 246 -11.63 -9.65 6.19
N GLU B 247 -12.38 -10.68 5.82
CA GLU B 247 -13.84 -10.73 6.07
C GLU B 247 -14.23 -10.54 7.57
N LEU B 248 -13.47 -11.14 8.47
CA LEU B 248 -13.65 -10.91 9.89
C LEU B 248 -13.67 -9.44 10.27
N ALA B 249 -12.69 -8.69 9.75
CA ALA B 249 -12.52 -7.28 10.11
C ALA B 249 -13.71 -6.50 9.50
N LYS B 250 -14.07 -6.78 8.24
CA LYS B 250 -15.21 -6.10 7.60
C LYS B 250 -16.49 -6.40 8.43
N ASP B 251 -16.67 -7.62 8.90
CA ASP B 251 -17.88 -7.96 9.62
C ASP B 251 -17.97 -7.18 10.95
N PHE B 252 -16.83 -7.01 11.63
CA PHE B 252 -16.77 -6.22 12.85
C PHE B 252 -17.22 -4.80 12.57
N ILE B 253 -16.66 -4.20 11.52
CA ILE B 253 -17.04 -2.85 11.16
C ILE B 253 -18.56 -2.76 10.81
N ARG B 254 -19.01 -3.69 9.97
CA ARG B 254 -20.39 -3.69 9.55
C ARG B 254 -21.38 -3.76 10.73
N LYS B 255 -21.03 -4.41 11.83
N LYS B 255 -20.99 -4.43 11.83
CA LYS B 255 -21.94 -4.50 12.97
CA LYS B 255 -21.80 -4.57 13.04
C LYS B 255 -21.95 -3.23 13.83
C LYS B 255 -21.80 -3.37 13.97
N LEU B 256 -20.90 -2.42 13.70
CA LEU B 256 -20.76 -1.17 14.46
C LEU B 256 -21.36 0.03 13.72
N LEU B 257 -21.24 0.05 12.40
CA LEU B 257 -21.77 1.14 11.57
C LEU B 257 -23.22 0.89 11.19
N VAL B 258 -24.06 0.84 12.23
CA VAL B 258 -25.46 0.52 12.08
C VAL B 258 -26.24 1.69 12.67
N LYS B 259 -27.27 2.14 11.97
CA LYS B 259 -28.05 3.30 12.45
C LYS B 259 -28.88 2.95 13.69
N GLU B 260 -29.57 1.80 13.62
CA GLU B 260 -30.44 1.40 14.73
C GLU B 260 -29.63 1.17 16.01
N THR B 261 -29.83 2.03 16.99
CA THR B 261 -29.03 1.93 18.22
C THR B 261 -29.12 0.59 18.90
N ARG B 262 -30.29 -0.01 18.91
CA ARG B 262 -30.45 -1.32 19.56
C ARG B 262 -29.76 -2.50 18.87
N LYS B 263 -29.49 -2.34 17.57
CA LYS B 263 -28.92 -3.40 16.76
C LYS B 263 -27.38 -3.31 16.75
N ARG B 264 -26.86 -2.09 16.98
CA ARG B 264 -25.42 -1.87 17.03
C ARG B 264 -24.77 -2.74 18.13
N LEU B 265 -23.58 -3.29 17.87
CA LEU B 265 -22.88 -4.03 18.91
C LEU B 265 -22.70 -3.16 20.17
N THR B 266 -22.87 -3.77 21.32
CA THR B 266 -22.45 -3.19 22.60
C THR B 266 -20.96 -3.48 22.82
N ILE B 267 -20.37 -2.85 23.84
CA ILE B 267 -18.97 -3.03 24.08
C ILE B 267 -18.59 -4.48 24.39
N GLN B 268 -19.46 -5.17 25.14
CA GLN B 268 -19.19 -6.58 25.46
C GLN B 268 -19.30 -7.46 24.20
N GLU B 269 -20.26 -7.12 23.35
CA GLU B 269 -20.39 -7.84 22.09
C GLU B 269 -19.19 -7.60 21.18
N ALA B 270 -18.68 -6.36 21.17
CA ALA B 270 -17.51 -6.06 20.37
C ALA B 270 -16.29 -6.87 20.87
N LEU B 271 -16.11 -6.90 22.19
CA LEU B 271 -14.99 -7.65 22.78
C LEU B 271 -15.00 -9.16 22.41
N ARG B 272 -16.21 -9.71 22.23
CA ARG B 272 -16.41 -11.11 21.95
C ARG B 272 -16.48 -11.40 20.47
N HIS B 273 -16.51 -10.39 19.63
CA HIS B 273 -16.50 -10.62 18.21
C HIS B 273 -15.25 -11.43 17.81
N PRO B 274 -15.38 -12.39 16.88
CA PRO B 274 -14.21 -13.22 16.56
C PRO B 274 -12.98 -12.56 15.93
N TRP B 275 -13.11 -11.36 15.36
CA TRP B 275 -11.95 -10.65 14.88
C TRP B 275 -11.13 -10.26 16.09
N ILE B 276 -11.80 -9.94 17.20
CA ILE B 276 -11.12 -9.52 18.42
C ILE B 276 -10.65 -10.75 19.21
N THR B 277 -11.56 -11.73 19.35
CA THR B 277 -11.36 -12.92 20.16
C THR B 277 -11.68 -14.15 19.33
N PRO B 278 -10.69 -14.60 18.54
CA PRO B 278 -11.02 -15.75 17.72
C PRO B 278 -11.45 -16.97 18.57
N VAL B 279 -12.37 -17.74 18.01
CA VAL B 279 -12.80 -19.03 18.63
C VAL B 279 -12.03 -20.24 18.13
N ASP B 280 -11.33 -20.13 17.02
CA ASP B 280 -10.56 -21.26 16.55
C ASP B 280 -9.30 -20.76 15.82
N ASN B 281 -8.41 -21.73 15.58
CA ASN B 281 -7.13 -21.46 14.95
C ASN B 281 -7.30 -20.98 13.53
N GLN B 282 -8.32 -21.42 12.83
CA GLN B 282 -8.55 -20.97 11.46
C GLN B 282 -8.75 -19.47 11.44
N GLN B 283 -9.60 -18.98 12.32
CA GLN B 283 -9.78 -17.50 12.45
C GLN B 283 -8.45 -16.81 12.86
N ALA B 284 -7.74 -17.38 13.81
CA ALA B 284 -6.51 -16.78 14.29
C ALA B 284 -5.54 -16.67 13.14
N MET B 285 -5.43 -17.72 12.30
CA MET B 285 -4.43 -17.68 11.18
C MET B 285 -4.78 -16.62 10.12
N VAL B 286 -6.06 -16.55 9.78
CA VAL B 286 -6.55 -15.54 8.84
C VAL B 286 -6.17 -14.13 9.37
N ARG B 287 -6.40 -13.87 10.65
CA ARG B 287 -6.15 -12.54 11.18
C ARG B 287 -4.65 -12.27 11.16
N ARG B 288 -3.83 -13.28 11.49
CA ARG B 288 -2.37 -13.12 11.57
C ARG B 288 -1.75 -12.83 10.21
N GLU B 289 -2.36 -13.38 9.19
CA GLU B 289 -1.83 -13.32 7.83
C GLU B 289 -2.37 -12.13 7.04
N SER B 290 -3.39 -11.46 7.56
CA SER B 290 -3.98 -10.30 6.89
C SER B 290 -3.18 -9.08 7.33
N VAL B 291 -2.83 -8.22 6.36
CA VAL B 291 -1.99 -7.07 6.62
C VAL B 291 -2.77 -5.81 6.32
N VAL B 292 -2.27 -4.71 6.88
CA VAL B 292 -2.77 -3.38 6.57
C VAL B 292 -1.79 -2.80 5.53
N ASN B 293 -2.30 -2.15 4.49
CA ASN B 293 -1.41 -1.44 3.58
C ASN B 293 -1.06 -0.11 4.24
N LEU B 294 0.11 -0.09 4.82
CA LEU B 294 0.55 1.07 5.54
C LEU B 294 0.85 2.24 4.62
N GLU B 295 1.04 1.97 3.33
CA GLU B 295 1.32 3.07 2.41
C GLU B 295 0.12 3.97 2.32
N ASN B 296 -1.06 3.38 2.13
CA ASN B 296 -2.30 4.11 2.12
C ASN B 296 -2.54 4.80 3.47
N PHE B 297 -2.27 4.08 4.56
CA PHE B 297 -2.41 4.66 5.87
C PHE B 297 -1.52 5.90 6.01
N ARG B 298 -0.28 5.77 5.58
CA ARG B 298 0.68 6.84 5.70
C ARG B 298 0.29 8.00 4.84
N LYS B 299 -0.11 7.73 3.61
CA LYS B 299 -0.45 8.83 2.72
C LYS B 299 -1.56 9.67 3.36
N GLN B 300 -2.56 9.01 3.93
CA GLN B 300 -3.75 9.71 4.42
C GLN B 300 -3.48 10.40 5.74
N TYR B 301 -2.66 9.80 6.60
CA TYR B 301 -2.32 10.41 7.88
C TYR B 301 -1.42 11.65 7.72
N VAL B 302 -0.52 11.63 6.74
CA VAL B 302 0.35 12.78 6.43
C VAL B 302 -0.44 13.98 5.89
N ARG B 303 -1.56 13.73 5.22
CA ARG B 303 -2.44 14.81 4.78
C ARG B 303 -2.99 15.59 5.99
N ARG B 304 -3.36 14.86 7.05
CA ARG B 304 -3.63 15.46 8.35
C ARG B 304 -2.30 15.87 9.02
N ARG B 305 -1.72 16.96 8.53
CA ARG B 305 -0.41 17.45 8.99
C ARG B 305 -0.12 18.87 8.48
N GLU C 3 5.27 -25.23 13.00
CA GLU C 3 6.62 -25.33 12.38
C GLU C 3 6.96 -26.69 11.76
N PRO C 4 6.52 -27.81 12.39
CA PRO C 4 6.53 -28.98 11.58
C PRO C 4 5.55 -28.82 10.43
N PHE C 5 5.92 -29.40 9.30
CA PHE C 5 5.02 -29.50 8.18
C PHE C 5 3.87 -30.45 8.54
N LYS C 6 2.66 -30.16 8.05
N LYS C 6 2.69 -30.18 8.00
CA LYS C 6 1.48 -30.99 8.33
CA LYS C 6 1.51 -30.98 8.32
C LYS C 6 1.50 -32.30 7.58
C LYS C 6 1.59 -32.30 7.58
N GLN C 7 1.34 -33.38 8.32
CA GLN C 7 1.42 -34.70 7.78
C GLN C 7 0.07 -35.25 7.31
N GLN C 8 -1.02 -34.52 7.51
CA GLN C 8 -2.32 -34.95 7.01
C GLN C 8 -2.42 -34.75 5.49
N LYS C 9 -3.31 -35.47 4.82
CA LYS C 9 -3.49 -35.36 3.36
C LYS C 9 -4.04 -34.00 2.94
N VAL C 10 -3.35 -33.29 2.05
CA VAL C 10 -3.80 -31.93 1.75
C VAL C 10 -5.21 -31.91 1.16
N GLU C 11 -5.51 -32.92 0.34
CA GLU C 11 -6.85 -33.04 -0.26
C GLU C 11 -7.97 -33.33 0.77
N ASP C 12 -7.62 -33.81 1.96
CA ASP C 12 -8.59 -33.93 3.07
C ASP C 12 -8.98 -32.58 3.63
N PHE C 13 -8.14 -31.58 3.41
CA PHE C 13 -8.38 -30.23 3.96
C PHE C 13 -8.66 -29.15 2.91
N TYR C 14 -8.36 -29.48 1.64
CA TYR C 14 -8.50 -28.56 0.52
C TYR C 14 -9.13 -29.18 -0.68
N ASP C 15 -10.03 -28.42 -1.28
CA ASP C 15 -10.43 -28.65 -2.67
C ASP C 15 -9.36 -28.10 -3.58
N ILE C 16 -8.83 -28.96 -4.45
CA ILE C 16 -7.78 -28.57 -5.40
C ILE C 16 -8.41 -28.43 -6.77
N GLY C 17 -8.11 -27.32 -7.44
CA GLY C 17 -8.65 -27.07 -8.78
C GLY C 17 -7.66 -26.71 -9.88
N GLU C 18 -7.99 -25.66 -10.64
N GLU C 18 -8.04 -25.72 -10.67
CA GLU C 18 -7.27 -25.30 -11.85
CA GLU C 18 -7.29 -25.22 -11.84
C GLU C 18 -5.78 -25.05 -11.60
C GLU C 18 -5.79 -25.00 -11.61
N GLU C 19 -4.96 -25.54 -12.52
CA GLU C 19 -3.52 -25.35 -12.46
C GLU C 19 -3.17 -23.94 -12.89
N LEU C 20 -2.40 -23.27 -12.05
CA LEU C 20 -2.06 -21.87 -12.22
C LEU C 20 -0.69 -21.65 -12.81
N GLY C 21 0.12 -22.70 -12.85
CA GLY C 21 1.54 -22.53 -13.19
C GLY C 21 2.30 -23.80 -12.89
N SER C 22 3.41 -24.01 -13.57
CA SER C 22 4.10 -25.31 -13.56
C SER C 22 5.61 -25.13 -13.55
N GLY C 23 6.11 -24.47 -12.50
CA GLY C 23 7.51 -24.10 -12.38
C GLY C 23 8.56 -25.17 -12.65
N GLN C 24 9.52 -25.31 -11.74
CA GLN C 24 10.67 -26.14 -12.07
C GLN C 24 10.35 -27.60 -11.73
N PHE C 25 10.67 -28.03 -10.53
CA PHE C 25 10.05 -29.24 -10.00
C PHE C 25 8.87 -28.84 -9.08
N ALA C 26 8.13 -27.80 -9.48
CA ALA C 26 6.94 -27.31 -8.75
C ALA C 26 5.78 -27.04 -9.66
N ILE C 27 4.58 -27.40 -9.20
CA ILE C 27 3.32 -27.09 -9.84
C ILE C 27 2.42 -26.32 -8.85
N VAL C 28 1.82 -25.23 -9.33
CA VAL C 28 0.87 -24.46 -8.55
C VAL C 28 -0.58 -24.64 -9.06
N LYS C 29 -1.48 -24.83 -8.10
CA LYS C 29 -2.89 -25.06 -8.37
C LYS C 29 -3.74 -24.20 -7.45
N LYS C 30 -4.87 -23.72 -7.97
CA LYS C 30 -5.87 -23.08 -7.12
C LYS C 30 -6.42 -24.09 -6.16
N CYS C 31 -6.70 -23.62 -4.94
CA CYS C 31 -7.32 -24.46 -3.92
C CYS C 31 -8.21 -23.67 -2.99
N ARG C 32 -9.04 -24.38 -2.24
CA ARG C 32 -9.94 -23.78 -1.27
C ARG C 32 -9.91 -24.58 0.01
N GLU C 33 -9.68 -23.94 1.13
CA GLU C 33 -9.66 -24.65 2.40
C GLU C 33 -11.10 -25.00 2.77
N LYS C 34 -11.37 -26.28 2.95
CA LYS C 34 -12.74 -26.73 3.16
C LYS C 34 -13.41 -26.09 4.37
N SER C 35 -12.65 -25.91 5.45
CA SER C 35 -13.18 -25.46 6.74
C SER C 35 -13.59 -24.02 6.75
N THR C 36 -12.98 -23.19 5.89
CA THR C 36 -13.22 -21.72 5.84
C THR C 36 -13.86 -21.20 4.53
N GLY C 37 -13.82 -22.00 3.47
CA GLY C 37 -14.21 -21.54 2.15
C GLY C 37 -13.24 -20.54 1.53
N LEU C 38 -12.12 -20.23 2.18
CA LEU C 38 -11.15 -19.28 1.60
C LEU C 38 -10.23 -19.92 0.57
N GLU C 39 -9.89 -19.14 -0.46
CA GLU C 39 -9.08 -19.65 -1.56
C GLU C 39 -7.63 -19.32 -1.37
N TYR C 40 -6.77 -20.17 -1.90
CA TYR C 40 -5.30 -20.07 -1.82
C TYR C 40 -4.69 -20.64 -3.09
N ALA C 41 -3.37 -20.55 -3.21
CA ALA C 41 -2.61 -21.29 -4.20
C ALA C 41 -1.85 -22.37 -3.46
N ALA C 42 -1.85 -23.58 -4.02
CA ALA C 42 -1.09 -24.70 -3.50
C ALA C 42 0.07 -24.96 -4.45
N LYS C 43 1.27 -24.76 -3.94
CA LYS C 43 2.52 -24.98 -4.63
C LYS C 43 3.10 -26.33 -4.20
N PHE C 44 3.05 -27.29 -5.13
CA PHE C 44 3.59 -28.63 -4.94
C PHE C 44 4.99 -28.74 -5.43
N ILE C 45 5.90 -29.00 -4.49
CA ILE C 45 7.33 -29.05 -4.73
C ILE C 45 7.75 -30.50 -4.56
N LYS C 46 8.26 -31.08 -5.64
CA LYS C 46 8.67 -32.49 -5.67
C LYS C 46 9.97 -32.68 -4.88
N LYS C 47 9.90 -33.53 -3.87
CA LYS C 47 11.08 -33.90 -3.10
C LYS C 47 12.04 -34.75 -3.91
N ARG C 48 13.31 -34.44 -3.72
CA ARG C 48 14.41 -35.12 -4.35
C ARG C 48 14.60 -36.46 -3.66
N GLN C 49 14.77 -37.51 -4.46
CA GLN C 49 14.98 -38.86 -3.94
C GLN C 49 16.41 -39.01 -3.35
N SER C 50 17.40 -38.31 -3.93
CA SER C 50 18.71 -38.04 -3.24
C SER C 50 19.71 -37.16 -4.02
N ARG C 51 20.85 -36.92 -3.39
CA ARG C 51 22.04 -36.25 -3.98
C ARG C 51 22.07 -36.09 -5.50
N ALA C 52 22.21 -37.22 -6.20
CA ALA C 52 22.41 -37.22 -7.65
C ALA C 52 21.10 -37.45 -8.40
N SER C 53 19.97 -37.37 -7.69
CA SER C 53 18.63 -37.40 -8.33
C SER C 53 18.51 -36.38 -9.46
N ARG C 54 17.98 -36.86 -10.58
CA ARG C 54 17.73 -36.03 -11.75
C ARG C 54 16.58 -35.08 -11.41
N ARG C 55 15.60 -35.60 -10.68
CA ARG C 55 14.37 -34.87 -10.44
C ARG C 55 14.17 -34.61 -8.94
N GLY C 56 13.54 -33.49 -8.65
CA GLY C 56 13.17 -33.13 -7.29
C GLY C 56 14.08 -32.06 -6.73
N VAL C 57 13.63 -31.48 -5.63
CA VAL C 57 14.32 -30.39 -4.96
C VAL C 57 14.87 -30.88 -3.64
N SER C 58 16.05 -30.40 -3.27
CA SER C 58 16.69 -30.78 -2.00
C SER C 58 15.90 -30.32 -0.77
N ARG C 59 16.02 -31.09 0.30
CA ARG C 59 15.43 -30.69 1.59
C ARG C 59 15.92 -29.31 2.00
N GLU C 60 17.21 -29.02 1.81
CA GLU C 60 17.80 -27.73 2.21
C GLU C 60 17.04 -26.63 1.53
N GLU C 61 16.85 -26.76 0.22
CA GLU C 61 16.20 -25.72 -0.54
C GLU C 61 14.72 -25.55 -0.21
N ILE C 62 14.00 -26.66 0.00
CA ILE C 62 12.62 -26.57 0.45
C ILE C 62 12.52 -25.84 1.81
N GLU C 63 13.35 -26.24 2.77
CA GLU C 63 13.36 -25.63 4.12
C GLU C 63 13.71 -24.15 4.10
N ARG C 64 14.62 -23.79 3.23
CA ARG C 64 15.03 -22.40 3.16
C ARG C 64 13.88 -21.54 2.59
N GLU C 65 13.18 -22.05 1.57
CA GLU C 65 12.03 -21.31 1.02
C GLU C 65 10.97 -21.12 2.07
N VAL C 66 10.62 -22.22 2.75
CA VAL C 66 9.62 -22.13 3.84
C VAL C 66 10.03 -21.21 4.99
N SER C 67 11.31 -21.30 5.39
CA SER C 67 11.84 -20.46 6.46
C SER C 67 11.76 -18.95 6.16
N ILE C 68 12.03 -18.63 4.91
CA ILE C 68 11.98 -17.23 4.50
C ILE C 68 10.54 -16.77 4.41
N LEU C 69 9.71 -17.63 3.79
CA LEU C 69 8.30 -17.22 3.63
C LEU C 69 7.63 -17.04 5.02
N ARG C 70 8.03 -17.85 5.97
CA ARG C 70 7.43 -17.76 7.28
C ARG C 70 7.72 -16.40 7.98
N GLN C 71 8.79 -15.75 7.54
CA GLN C 71 9.28 -14.51 8.15
C GLN C 71 8.64 -13.29 7.57
N VAL C 72 8.03 -13.41 6.40
CA VAL C 72 7.67 -12.18 5.62
C VAL C 72 6.17 -11.90 5.70
N LEU C 73 5.82 -10.71 6.22
CA LEU C 73 4.45 -10.22 6.27
C LEU C 73 4.42 -8.77 5.86
N HIS C 74 4.08 -8.53 4.60
CA HIS C 74 4.11 -7.21 3.99
C HIS C 74 3.10 -7.16 2.86
N HIS C 75 2.45 -6.01 2.71
CA HIS C 75 1.44 -5.79 1.70
C HIS C 75 1.89 -5.99 0.27
N ASN C 76 3.19 -5.90 -0.01
CA ASN C 76 3.67 -6.15 -1.39
C ASN C 76 4.41 -7.51 -1.55
N VAL C 77 4.31 -8.39 -0.57
CA VAL C 77 4.96 -9.69 -0.62
C VAL C 77 3.92 -10.80 -0.34
N ILE C 78 4.03 -11.90 -1.06
N ILE C 78 4.06 -11.87 -1.11
CA ILE C 78 3.08 -13.01 -0.90
CA ILE C 78 3.21 -13.03 -0.96
C ILE C 78 3.19 -13.62 0.52
C ILE C 78 3.24 -13.43 0.51
N THR C 79 2.02 -13.93 1.10
N THR C 79 2.12 -14.01 0.96
CA THR C 79 1.96 -14.47 2.47
CA THR C 79 1.96 -14.46 2.32
C THR C 79 1.59 -15.97 2.53
C THR C 79 1.80 -16.01 2.28
N LEU C 80 2.46 -16.70 3.23
CA LEU C 80 2.33 -18.13 3.43
C LEU C 80 1.21 -18.43 4.43
N HIS C 81 0.36 -19.39 4.09
CA HIS C 81 -0.69 -19.84 4.98
C HIS C 81 -0.33 -21.11 5.73
N ASP C 82 0.20 -22.11 5.04
CA ASP C 82 0.44 -23.40 5.68
C ASP C 82 1.40 -24.21 4.86
N VAL C 83 1.91 -25.29 5.43
CA VAL C 83 2.79 -26.21 4.73
C VAL C 83 2.38 -27.65 5.05
N TYR C 84 2.19 -28.44 3.99
CA TYR C 84 1.90 -29.90 4.14
C TYR C 84 3.06 -30.72 3.51
N GLU C 85 3.16 -31.96 3.93
CA GLU C 85 4.15 -32.85 3.36
C GLU C 85 3.60 -34.25 3.26
N ASN C 86 3.73 -34.82 2.06
CA ASN C 86 3.44 -36.27 1.83
C ASN C 86 4.68 -37.04 1.36
N ARG C 87 4.54 -38.29 0.93
CA ARG C 87 5.73 -39.04 0.54
C ARG C 87 6.56 -38.40 -0.59
N THR C 88 5.91 -37.70 -1.50
CA THR C 88 6.57 -37.23 -2.71
C THR C 88 6.74 -35.72 -2.80
N ASP C 89 5.83 -34.99 -2.18
CA ASP C 89 5.77 -33.52 -2.30
C ASP C 89 5.78 -32.76 -0.94
N VAL C 90 6.33 -31.55 -0.96
CA VAL C 90 6.04 -30.59 0.08
C VAL C 90 5.12 -29.58 -0.58
N VAL C 91 4.01 -29.29 0.08
CA VAL C 91 2.97 -28.42 -0.44
C VAL C 91 2.82 -27.13 0.39
N LEU C 92 3.17 -26.01 -0.28
CA LEU C 92 3.04 -24.69 0.35
C LEU C 92 1.70 -24.13 -0.02
N ILE C 93 0.91 -23.80 1.01
CA ILE C 93 -0.39 -23.17 0.79
C ILE C 93 -0.15 -21.66 0.95
N LEU C 94 -0.28 -20.97 -0.17
CA LEU C 94 0.08 -19.56 -0.29
C LEU C 94 -1.11 -18.68 -0.60
N GLU C 95 -0.98 -17.41 -0.26
CA GLU C 95 -1.95 -16.39 -0.68
C GLU C 95 -2.16 -16.50 -2.19
N LEU C 96 -3.44 -16.52 -2.58
CA LEU C 96 -3.78 -16.57 -3.98
C LEU C 96 -3.70 -15.18 -4.53
N VAL C 97 -2.88 -15.04 -5.56
CA VAL C 97 -2.71 -13.81 -6.26
C VAL C 97 -3.11 -14.04 -7.70
N SER C 98 -4.31 -13.55 -8.06
CA SER C 98 -5.02 -14.01 -9.24
C SER C 98 -5.19 -12.93 -10.32
N GLY C 99 -4.56 -11.77 -10.14
CA GLY C 99 -4.67 -10.64 -11.06
C GLY C 99 -3.69 -10.61 -12.23
N GLY C 100 -2.89 -11.65 -12.40
CA GLY C 100 -1.93 -11.72 -13.48
C GLY C 100 -0.72 -10.87 -13.31
N GLU C 101 0.18 -10.92 -14.30
CA GLU C 101 1.46 -10.23 -14.18
C GLU C 101 1.24 -8.74 -14.38
N LEU C 102 2.07 -7.95 -13.73
CA LEU C 102 2.00 -6.50 -13.86
C LEU C 102 2.11 -6.11 -15.38
N PHE C 103 3.01 -6.73 -16.10
CA PHE C 103 3.28 -6.31 -17.48
C PHE C 103 2.09 -6.58 -18.40
N ASP C 104 1.33 -7.66 -18.14
CA ASP C 104 0.13 -7.93 -18.91
C ASP C 104 -0.92 -6.81 -18.74
N PHE C 105 -1.09 -6.32 -17.51
CA PHE C 105 -2.00 -5.23 -17.22
C PHE C 105 -1.54 -3.95 -17.91
N LEU C 106 -0.25 -3.69 -17.86
CA LEU C 106 0.29 -2.48 -18.47
C LEU C 106 0.05 -2.47 -20.00
N ALA C 107 0.21 -3.64 -20.62
CA ALA C 107 0.11 -3.82 -22.04
C ALA C 107 -1.30 -3.59 -22.57
N GLN C 108 -2.29 -3.51 -21.70
CA GLN C 108 -3.65 -3.22 -22.14
C GLN C 108 -4.06 -1.79 -21.84
N LYS C 109 -3.16 -0.94 -21.32
CA LYS C 109 -3.51 0.42 -20.95
C LYS C 109 -3.64 1.30 -22.17
N GLU C 110 -4.49 2.31 -21.99
CA GLU C 110 -4.76 3.36 -22.96
C GLU C 110 -3.43 4.09 -23.21
N SER C 111 -2.87 4.56 -22.11
CA SER C 111 -1.62 5.28 -22.09
C SER C 111 -0.96 5.06 -20.72
N LEU C 112 0.31 5.45 -20.59
CA LEU C 112 1.00 5.27 -19.33
C LEU C 112 2.03 6.37 -19.16
N SER C 113 1.87 7.17 -18.11
CA SER C 113 2.87 8.19 -17.78
C SER C 113 4.01 7.63 -16.90
N GLU C 114 5.11 8.39 -16.78
CA GLU C 114 6.16 7.99 -15.84
C GLU C 114 5.68 8.12 -14.41
N GLU C 115 4.77 9.03 -14.13
CA GLU C 115 4.25 9.10 -12.78
C GLU C 115 3.53 7.79 -12.38
N GLU C 116 2.68 7.32 -13.29
CA GLU C 116 1.99 6.02 -13.13
C GLU C 116 3.02 4.89 -13.04
N ALA C 117 4.00 4.90 -13.91
CA ALA C 117 5.02 3.86 -13.88
C ALA C 117 5.72 3.79 -12.55
N THR C 118 6.08 4.95 -12.03
CA THR C 118 6.81 5.02 -10.75
C THR C 118 5.96 4.58 -9.58
N SER C 119 4.64 4.76 -9.69
N SER C 119 4.64 4.69 -9.67
CA SER C 119 3.71 4.25 -8.69
CA SER C 119 3.79 4.21 -8.57
C SER C 119 3.96 2.73 -8.56
C SER C 119 3.71 2.66 -8.55
N PHE C 120 3.93 2.04 -9.69
CA PHE C 120 4.20 0.61 -9.71
C PHE C 120 5.57 0.20 -9.23
N ILE C 121 6.58 0.90 -9.74
CA ILE C 121 7.95 0.63 -9.34
C ILE C 121 8.15 0.85 -7.81
N LYS C 122 7.53 1.89 -7.25
CA LYS C 122 7.62 2.15 -5.79
C LYS C 122 7.06 1.00 -4.99
N GLN C 123 5.98 0.41 -5.47
CA GLN C 123 5.45 -0.77 -4.76
C GLN C 123 6.48 -1.95 -4.73
N ILE C 124 7.10 -2.22 -5.86
CA ILE C 124 8.19 -3.21 -5.89
C ILE C 124 9.32 -2.80 -4.90
N LEU C 125 9.72 -1.54 -4.95
CA LEU C 125 10.74 -1.04 -4.03
C LEU C 125 10.34 -1.22 -2.55
N ASP C 126 9.09 -0.93 -2.25
CA ASP C 126 8.56 -1.12 -0.91
C ASP C 126 8.70 -2.58 -0.43
N GLY C 127 8.36 -3.54 -1.31
CA GLY C 127 8.49 -4.94 -0.96
C GLY C 127 9.96 -5.34 -0.80
N VAL C 128 10.79 -4.85 -1.73
CA VAL C 128 12.20 -5.18 -1.61
C VAL C 128 12.87 -4.51 -0.40
N ASN C 129 12.48 -3.27 -0.08
CA ASN C 129 12.98 -2.65 1.11
C ASN C 129 12.68 -3.48 2.37
N TYR C 130 11.48 -4.02 2.43
CA TYR C 130 11.07 -4.83 3.59
C TYR C 130 11.96 -6.10 3.69
N LEU C 131 12.16 -6.75 2.55
CA LEU C 131 13.04 -7.92 2.53
C LEU C 131 14.49 -7.59 2.88
N HIS C 132 15.03 -6.52 2.28
CA HIS C 132 16.43 -6.19 2.48
C HIS C 132 16.71 -5.82 3.91
N THR C 133 15.73 -5.19 4.55
CA THR C 133 15.85 -4.85 5.98
C THR C 133 16.10 -6.07 6.84
N LYS C 134 15.49 -7.16 6.42
CA LYS C 134 15.62 -8.46 7.06
C LYS C 134 16.77 -9.31 6.55
N LYS C 135 17.56 -8.70 5.68
CA LYS C 135 18.71 -9.33 5.10
C LYS C 135 18.31 -10.51 4.26
N ILE C 136 17.16 -10.37 3.58
CA ILE C 136 16.67 -11.38 2.66
C ILE C 136 16.83 -10.86 1.23
N ALA C 137 17.60 -11.59 0.43
CA ALA C 137 17.71 -11.40 -1.05
C ALA C 137 16.66 -12.28 -1.76
N HIS C 138 15.89 -11.64 -2.63
CA HIS C 138 14.89 -12.39 -3.40
C HIS C 138 15.56 -13.30 -4.45
N PHE C 139 16.52 -12.73 -5.21
CA PHE C 139 17.32 -13.43 -6.21
C PHE C 139 16.57 -13.97 -7.42
N ASP C 140 15.29 -13.60 -7.61
CA ASP C 140 14.58 -13.97 -8.83
C ASP C 140 13.60 -12.87 -9.22
N LEU C 141 14.00 -11.60 -9.08
CA LEU C 141 13.12 -10.53 -9.51
C LEU C 141 13.17 -10.42 -11.05
N LYS C 142 11.99 -10.63 -11.63
CA LYS C 142 11.75 -10.52 -13.05
C LYS C 142 10.25 -10.36 -13.28
N PRO C 143 9.86 -9.94 -14.49
CA PRO C 143 8.44 -9.59 -14.63
C PRO C 143 7.40 -10.66 -14.24
N GLU C 144 7.68 -11.92 -14.51
CA GLU C 144 6.69 -12.94 -14.21
C GLU C 144 6.54 -13.17 -12.74
N ASN C 145 7.47 -12.68 -11.92
CA ASN C 145 7.32 -12.71 -10.47
C ASN C 145 6.75 -11.45 -9.82
N ILE C 146 6.20 -10.59 -10.67
N ILE C 146 6.41 -10.45 -10.64
CA ILE C 146 5.64 -9.32 -10.25
CA ILE C 146 5.65 -9.29 -10.17
C ILE C 146 4.16 -9.33 -10.60
C ILE C 146 4.22 -9.48 -10.61
N MET C 147 3.39 -9.83 -9.63
CA MET C 147 1.99 -10.17 -9.84
C MET C 147 1.07 -9.09 -9.25
N LEU C 148 -0.20 -9.15 -9.63
CA LEU C 148 -1.23 -8.23 -9.13
C LEU C 148 -2.30 -9.01 -8.39
N LEU C 149 -2.81 -8.44 -7.32
CA LEU C 149 -3.99 -8.98 -6.66
C LEU C 149 -5.26 -8.96 -7.54
N ASP C 150 -5.47 -7.84 -8.21
CA ASP C 150 -6.77 -7.59 -8.89
C ASP C 150 -6.57 -6.63 -10.06
N LYS C 151 -6.79 -7.13 -11.28
CA LYS C 151 -6.49 -6.33 -12.46
C LYS C 151 -7.64 -5.44 -12.88
N ASN C 152 -8.73 -5.45 -12.11
CA ASN C 152 -9.95 -4.71 -12.44
C ASN C 152 -10.20 -3.58 -11.47
N ILE C 153 -9.14 -3.02 -10.91
CA ILE C 153 -9.20 -1.72 -10.23
C ILE C 153 -8.25 -0.71 -10.89
N PRO C 154 -8.53 0.58 -10.75
CA PRO C 154 -7.76 1.58 -11.46
C PRO C 154 -6.23 1.47 -11.34
N ILE C 155 -5.72 1.26 -10.14
CA ILE C 155 -4.26 1.15 -9.92
C ILE C 155 -3.94 -0.11 -9.10
N PRO C 156 -3.72 -1.22 -9.78
CA PRO C 156 -3.53 -2.47 -9.08
C PRO C 156 -2.39 -2.57 -8.04
N HIS C 157 -2.58 -3.54 -7.15
CA HIS C 157 -1.69 -3.81 -6.01
C HIS C 157 -0.73 -4.95 -6.33
N ILE C 158 0.57 -4.66 -6.26
CA ILE C 158 1.61 -5.61 -6.56
C ILE C 158 1.95 -6.53 -5.41
N LYS C 159 2.13 -7.80 -5.76
CA LYS C 159 2.70 -8.83 -4.91
C LYS C 159 3.93 -9.44 -5.55
N LEU C 160 5.01 -9.49 -4.77
CA LEU C 160 6.22 -10.21 -5.12
C LEU C 160 6.00 -11.64 -4.79
N ILE C 161 6.18 -12.53 -5.76
CA ILE C 161 6.02 -13.95 -5.57
C ILE C 161 7.33 -14.73 -5.86
N ASP C 162 7.29 -16.03 -5.61
CA ASP C 162 8.30 -17.03 -6.00
C ASP C 162 9.64 -16.81 -5.29
N PHE C 163 9.69 -17.31 -4.05
CA PHE C 163 10.85 -17.22 -3.22
C PHE C 163 11.76 -18.45 -3.35
N GLY C 164 11.67 -19.17 -4.48
CA GLY C 164 12.46 -20.36 -4.70
C GLY C 164 13.98 -20.17 -4.68
N LEU C 165 14.43 -18.97 -4.99
CA LEU C 165 15.87 -18.61 -5.05
C LEU C 165 16.34 -17.71 -3.91
N ALA C 166 15.43 -17.28 -3.07
CA ALA C 166 15.69 -16.39 -1.99
C ALA C 166 16.61 -17.00 -0.97
N HIS C 167 17.42 -16.12 -0.38
CA HIS C 167 18.49 -16.51 0.57
C HIS C 167 18.71 -15.40 1.60
N GLU C 168 18.84 -15.79 2.86
CA GLU C 168 19.28 -14.86 3.90
C GLU C 168 20.76 -14.55 3.66
N ILE C 169 21.12 -13.27 3.70
CA ILE C 169 22.49 -12.81 3.51
C ILE C 169 23.13 -12.62 4.90
N GLU C 170 23.95 -13.59 5.30
CA GLU C 170 24.56 -13.61 6.63
C GLU C 170 25.76 -12.70 6.62
N ASP C 171 25.93 -11.93 7.67
CA ASP C 171 27.04 -10.99 7.75
C ASP C 171 28.40 -11.64 7.50
N GLY C 172 29.09 -11.11 6.51
CA GLY C 172 30.46 -11.51 6.19
C GLY C 172 30.60 -12.90 5.65
N VAL C 173 29.48 -13.56 5.32
CA VAL C 173 29.51 -14.93 4.76
C VAL C 173 29.53 -14.90 3.24
N GLU C 174 30.49 -15.61 2.67
CA GLU C 174 30.64 -15.63 1.23
C GLU C 174 29.63 -16.62 0.64
N PHE C 175 28.71 -16.11 -0.20
CA PHE C 175 27.71 -16.94 -0.87
C PHE C 175 27.93 -16.75 -2.35
N LYS C 176 28.34 -17.83 -3.01
CA LYS C 176 28.59 -17.83 -4.45
C LYS C 176 27.75 -18.94 -5.09
N ASN C 177 27.02 -18.56 -6.15
CA ASN C 177 26.20 -19.50 -6.89
C ASN C 177 25.81 -18.88 -8.22
N ILE C 178 25.37 -19.76 -9.12
CA ILE C 178 24.92 -19.38 -10.44
C ILE C 178 23.49 -19.90 -10.60
N PHE C 179 22.56 -18.97 -10.83
CA PHE C 179 21.14 -19.27 -10.91
C PHE C 179 20.41 -18.12 -11.60
N GLY C 180 19.09 -18.29 -11.76
CA GLY C 180 18.27 -17.22 -12.29
C GLY C 180 18.08 -17.31 -13.81
N THR C 181 17.41 -16.29 -14.34
CA THR C 181 17.13 -16.17 -15.77
C THR C 181 18.14 -15.18 -16.27
N PRO C 182 19.02 -15.61 -17.20
CA PRO C 182 20.15 -14.77 -17.66
C PRO C 182 19.79 -13.31 -17.95
N GLU C 183 18.72 -13.04 -18.67
CA GLU C 183 18.33 -11.68 -18.98
C GLU C 183 18.33 -10.72 -17.80
N PHE C 184 18.03 -11.24 -16.60
CA PHE C 184 17.75 -10.44 -15.42
C PHE C 184 18.84 -10.49 -14.31
N VAL C 185 19.84 -11.36 -14.48
CA VAL C 185 20.84 -11.54 -13.43
C VAL C 185 22.03 -10.55 -13.58
N ALA C 186 22.54 -10.18 -12.38
CA ALA C 186 23.64 -9.27 -12.23
C ALA C 186 24.98 -9.90 -12.59
N PRO C 187 25.99 -9.07 -12.94
CA PRO C 187 27.29 -9.64 -13.29
C PRO C 187 27.91 -10.57 -12.23
N GLU C 188 27.68 -10.29 -10.94
CA GLU C 188 28.29 -11.12 -9.89
C GLU C 188 27.75 -12.57 -9.89
N ILE C 189 26.54 -12.79 -10.45
CA ILE C 189 26.00 -14.13 -10.64
C ILE C 189 26.74 -14.81 -11.80
N VAL C 190 26.76 -14.14 -12.95
CA VAL C 190 27.47 -14.70 -14.10
C VAL C 190 28.95 -14.99 -13.80
N ASN C 191 29.61 -14.06 -13.10
CA ASN C 191 31.02 -14.19 -12.80
C ASN C 191 31.36 -15.06 -11.58
N TYR C 192 30.36 -15.62 -10.92
CA TYR C 192 30.62 -16.49 -9.77
C TYR C 192 31.42 -15.76 -8.68
N GLU C 193 30.97 -14.53 -8.40
CA GLU C 193 31.49 -13.68 -7.34
C GLU C 193 30.57 -13.55 -6.17
N PRO C 194 31.11 -13.14 -5.01
CA PRO C 194 30.25 -13.17 -3.81
C PRO C 194 28.95 -12.35 -4.01
N LEU C 195 27.81 -12.91 -3.52
CA LEU C 195 26.50 -12.33 -3.74
C LEU C 195 25.98 -11.69 -2.43
N GLY C 196 25.03 -10.79 -2.61
CA GLY C 196 24.41 -10.07 -1.51
C GLY C 196 23.11 -9.46 -2.00
N LEU C 197 22.67 -8.44 -1.29
CA LEU C 197 21.38 -7.78 -1.59
C LEU C 197 21.47 -7.02 -2.91
N GLU C 198 22.70 -6.74 -3.38
CA GLU C 198 22.89 -5.83 -4.51
C GLU C 198 22.34 -6.43 -5.79
N ALA C 199 22.38 -7.76 -5.95
CA ALA C 199 21.88 -8.36 -7.19
C ALA C 199 20.41 -8.02 -7.44
N ASP C 200 19.59 -7.94 -6.40
CA ASP C 200 18.16 -7.56 -6.55
C ASP C 200 18.03 -6.17 -7.14
N MET C 201 18.99 -5.30 -6.82
CA MET C 201 18.91 -3.93 -7.26
C MET C 201 19.23 -3.82 -8.78
N TRP C 202 20.20 -4.61 -9.27
CA TRP C 202 20.44 -4.73 -10.73
C TRP C 202 19.20 -5.19 -11.43
N SER C 203 18.55 -6.20 -10.85
CA SER C 203 17.36 -6.73 -11.49
C SER C 203 16.25 -5.68 -11.61
N ILE C 204 16.05 -4.89 -10.58
CA ILE C 204 15.09 -3.78 -10.60
C ILE C 204 15.46 -2.81 -11.77
N GLY C 205 16.73 -2.55 -11.98
CA GLY C 205 17.11 -1.70 -13.10
C GLY C 205 16.74 -2.30 -14.43
N VAL C 206 16.92 -3.62 -14.55
CA VAL C 206 16.52 -4.29 -15.75
C VAL C 206 15.00 -4.22 -15.96
N ILE C 207 14.22 -4.55 -14.92
CA ILE C 207 12.77 -4.49 -14.99
C ILE C 207 12.31 -3.07 -15.42
N THR C 208 12.94 -2.05 -14.83
CA THR C 208 12.52 -0.67 -15.07
C THR C 208 12.80 -0.31 -16.55
N TYR C 209 13.98 -0.72 -17.06
CA TYR C 209 14.36 -0.45 -18.42
C TYR C 209 13.29 -1.01 -19.39
N ILE C 210 12.90 -2.27 -19.18
CA ILE C 210 11.86 -2.90 -19.98
C ILE C 210 10.54 -2.19 -19.86
N LEU C 211 10.15 -1.90 -18.63
CA LEU C 211 8.86 -1.22 -18.38
C LEU C 211 8.72 0.07 -19.21
N LEU C 212 9.79 0.87 -19.22
CA LEU C 212 9.73 2.17 -19.87
C LEU C 212 9.85 2.14 -21.37
N SER C 213 10.42 1.07 -21.91
CA SER C 213 10.77 1.02 -23.31
C SER C 213 10.26 -0.12 -24.19
N GLY C 214 9.96 -1.25 -23.56
CA GLY C 214 9.73 -2.54 -24.24
C GLY C 214 11.00 -3.28 -24.68
N ALA C 215 12.15 -2.60 -24.66
CA ALA C 215 13.43 -3.23 -24.95
C ALA C 215 14.09 -3.77 -23.68
N SER C 216 15.06 -4.67 -23.83
CA SER C 216 15.75 -5.28 -22.69
C SER C 216 17.24 -4.92 -22.81
N PRO C 217 17.83 -4.51 -21.67
CA PRO C 217 19.17 -3.88 -21.86
C PRO C 217 20.28 -4.80 -22.35
N PHE C 218 20.31 -6.02 -21.86
CA PHE C 218 21.40 -6.92 -22.14
C PHE C 218 21.05 -8.12 -23.01
N LEU C 219 19.78 -8.36 -23.26
CA LEU C 219 19.31 -9.56 -23.96
C LEU C 219 19.91 -9.61 -25.37
N GLY C 220 20.58 -10.71 -25.67
CA GLY C 220 21.14 -10.93 -27.01
C GLY C 220 20.37 -12.00 -27.75
N ASP C 221 20.87 -12.36 -28.91
CA ASP C 221 20.21 -13.40 -29.72
C ASP C 221 20.26 -14.79 -29.09
N THR C 222 21.26 -15.05 -28.26
CA THR C 222 21.39 -16.34 -27.54
C THR C 222 21.94 -16.03 -26.16
N LYS C 223 21.93 -17.01 -25.27
CA LYS C 223 22.50 -16.85 -23.93
C LYS C 223 23.95 -16.40 -23.99
N GLN C 224 24.71 -16.95 -24.92
CA GLN C 224 26.10 -16.58 -25.07
C GLN C 224 26.28 -15.05 -25.18
N GLU C 225 25.52 -14.43 -26.08
CA GLU C 225 25.56 -12.95 -26.20
C GLU C 225 25.10 -12.22 -24.94
N THR C 226 23.98 -12.63 -24.36
CA THR C 226 23.47 -12.04 -23.13
C THR C 226 24.51 -12.01 -22.03
N LEU C 227 25.14 -13.16 -21.74
CA LEU C 227 26.16 -13.21 -20.70
C LEU C 227 27.30 -12.23 -20.98
N ALA C 228 27.73 -12.12 -22.24
CA ALA C 228 28.79 -11.21 -22.63
C ALA C 228 28.37 -9.74 -22.40
N ASN C 229 27.14 -9.44 -22.81
CA ASN C 229 26.58 -8.12 -22.55
C ASN C 229 26.53 -7.75 -21.07
N ILE C 230 26.04 -8.65 -20.24
CA ILE C 230 25.97 -8.38 -18.82
C ILE C 230 27.33 -8.14 -18.20
N THR C 231 28.29 -9.00 -18.49
CA THR C 231 29.58 -8.94 -17.83
C THR C 231 30.36 -7.71 -18.29
N SER C 232 30.11 -7.26 -19.51
CA SER C 232 30.70 -6.00 -19.97
C SER C 232 29.85 -4.75 -19.74
N VAL C 233 28.67 -4.94 -19.10
CA VAL C 233 27.68 -3.87 -18.90
C VAL C 233 27.53 -3.05 -20.16
N SER C 234 27.30 -3.76 -21.26
CA SER C 234 27.03 -3.17 -22.58
C SER C 234 25.52 -3.02 -22.75
N TYR C 235 25.04 -1.79 -22.57
CA TYR C 235 23.69 -1.41 -22.89
C TYR C 235 23.70 0.02 -23.40
N ASP C 236 22.59 0.43 -24.00
CA ASP C 236 22.41 1.85 -24.28
C ASP C 236 20.98 2.32 -24.10
N PHE C 237 20.75 3.61 -24.30
CA PHE C 237 19.40 4.18 -24.29
C PHE C 237 19.06 4.71 -25.69
N ASP C 238 19.04 3.82 -26.65
CA ASP C 238 18.76 4.17 -28.05
C ASP C 238 17.45 4.96 -28.19
N GLU C 239 17.50 6.08 -28.93
CA GLU C 239 16.28 6.89 -29.13
C GLU C 239 15.15 6.09 -29.76
N GLU C 240 15.48 5.06 -30.53
CA GLU C 240 14.43 4.22 -31.04
C GLU C 240 13.45 3.82 -29.92
N PHE C 241 14.04 3.54 -28.77
CA PHE C 241 13.27 2.98 -27.66
C PHE C 241 13.03 3.99 -26.51
N PHE C 242 13.88 5.01 -26.41
CA PHE C 242 13.91 5.88 -25.22
C PHE C 242 13.62 7.35 -25.53
N SER C 243 13.10 7.60 -26.71
CA SER C 243 12.83 8.99 -27.09
C SER C 243 11.80 9.73 -26.24
N HIS C 244 10.88 9.01 -25.58
CA HIS C 244 9.89 9.63 -24.70
C HIS C 244 10.36 9.74 -23.26
N THR C 245 11.53 9.18 -22.96
CA THR C 245 11.92 8.94 -21.58
C THR C 245 12.63 10.12 -20.95
N SER C 246 12.31 10.40 -19.69
CA SER C 246 12.90 11.51 -18.98
C SER C 246 14.34 11.20 -18.64
N GLU C 247 15.11 12.24 -18.36
N GLU C 247 15.11 12.25 -18.41
CA GLU C 247 16.50 12.09 -17.91
CA GLU C 247 16.50 12.12 -17.92
C GLU C 247 16.59 11.56 -16.51
C GLU C 247 16.56 11.51 -16.53
N LEU C 248 15.63 11.92 -15.67
CA LEU C 248 15.52 11.39 -14.31
C LEU C 248 15.40 9.87 -14.34
N ALA C 249 14.57 9.37 -15.27
CA ALA C 249 14.34 7.90 -15.32
C ALA C 249 15.63 7.19 -15.81
N LYS C 250 16.32 7.79 -16.80
CA LYS C 250 17.54 7.22 -17.29
C LYS C 250 18.60 7.21 -16.20
N ASP C 251 18.58 8.23 -15.34
CA ASP C 251 19.55 8.30 -14.26
C ASP C 251 19.36 7.18 -13.25
N PHE C 252 18.11 7.00 -12.86
CA PHE C 252 17.70 5.89 -11.95
C PHE C 252 18.25 4.56 -12.51
N ILE C 253 17.99 4.28 -13.80
CA ILE C 253 18.45 3.02 -14.37
C ILE C 253 19.96 2.93 -14.37
N ARG C 254 20.58 4.04 -14.78
CA ARG C 254 22.02 4.07 -14.89
C ARG C 254 22.75 3.81 -13.56
N LYS C 255 22.16 4.23 -12.44
CA LYS C 255 22.80 4.04 -11.15
C LYS C 255 22.54 2.61 -10.58
N LEU C 256 21.59 1.87 -11.21
CA LEU C 256 21.32 0.46 -10.91
C LEU C 256 22.12 -0.54 -11.74
N LEU C 257 22.34 -0.23 -13.01
CA LEU C 257 23.03 -1.13 -13.92
C LEU C 257 24.52 -0.82 -13.89
N VAL C 258 25.11 -1.07 -12.70
N VAL C 258 25.13 -1.07 -12.75
CA VAL C 258 26.51 -0.82 -12.29
CA VAL C 258 26.55 -0.92 -12.58
C VAL C 258 27.23 -2.13 -11.84
C VAL C 258 27.13 -2.21 -12.02
N LYS C 259 28.32 -2.53 -12.51
CA LYS C 259 29.05 -3.75 -12.12
C LYS C 259 29.48 -3.78 -10.66
N GLU C 260 30.14 -2.72 -10.21
CA GLU C 260 30.73 -2.69 -8.88
C GLU C 260 29.63 -2.71 -7.83
N THR C 261 29.60 -3.76 -7.03
CA THR C 261 28.48 -3.91 -6.08
C THR C 261 28.38 -2.76 -5.10
N ARG C 262 29.53 -2.25 -4.67
CA ARG C 262 29.65 -1.17 -3.69
C ARG C 262 29.14 0.17 -4.23
N LYS C 263 29.21 0.36 -5.53
CA LYS C 263 28.78 1.60 -6.18
C LYS C 263 27.29 1.60 -6.57
N ARG C 264 26.72 0.40 -6.75
CA ARG C 264 25.31 0.27 -7.11
C ARG C 264 24.36 0.84 -6.04
N LEU C 265 23.25 1.46 -6.46
CA LEU C 265 22.32 2.00 -5.48
C LEU C 265 21.80 0.83 -4.64
N THR C 266 21.74 1.06 -3.33
CA THR C 266 20.96 0.25 -2.39
C THR C 266 19.48 0.56 -2.48
N ILE C 267 18.70 -0.27 -1.81
CA ILE C 267 17.27 -0.06 -1.85
C ILE C 267 16.83 1.28 -1.27
N GLN C 268 17.46 1.72 -0.18
CA GLN C 268 17.08 3.00 0.43
C GLN C 268 17.42 4.15 -0.51
N GLU C 269 18.57 4.03 -1.19
CA GLU C 269 19.00 5.03 -2.16
C GLU C 269 18.02 5.07 -3.37
N ALA C 270 17.57 3.89 -3.83
CA ALA C 270 16.61 3.83 -4.91
C ALA C 270 15.30 4.52 -4.53
N LEU C 271 14.84 4.29 -3.29
CA LEU C 271 13.62 4.90 -2.84
C LEU C 271 13.72 6.43 -2.73
N ARG C 272 14.92 6.95 -2.42
CA ARG C 272 15.12 8.39 -2.29
C ARG C 272 15.53 9.03 -3.61
N HIS C 273 15.69 8.25 -4.69
CA HIS C 273 16.08 8.84 -5.96
C HIS C 273 14.98 9.79 -6.47
N PRO C 274 15.36 10.96 -7.04
CA PRO C 274 14.36 11.96 -7.41
C PRO C 274 13.26 11.52 -8.43
N TRP C 275 13.55 10.49 -9.22
CA TRP C 275 12.56 9.97 -10.13
C TRP C 275 11.46 9.30 -9.35
N ILE C 276 11.81 8.65 -8.24
CA ILE C 276 10.84 8.03 -7.40
C ILE C 276 10.18 9.00 -6.42
N THR C 277 11.03 9.84 -5.83
CA THR C 277 10.63 10.82 -4.82
C THR C 277 11.08 12.21 -5.24
N PRO C 278 10.27 12.87 -6.06
CA PRO C 278 10.66 14.18 -6.60
C PRO C 278 10.91 15.16 -5.45
N VAL C 279 11.93 16.02 -5.58
CA VAL C 279 12.28 17.01 -4.55
C VAL C 279 11.60 18.36 -4.74
N ASP C 280 11.08 18.61 -5.94
CA ASP C 280 10.39 19.85 -6.26
C ASP C 280 9.27 19.62 -7.26
N ASN C 281 8.37 20.58 -7.39
CA ASN C 281 7.26 20.49 -8.34
C ASN C 281 7.74 20.48 -9.78
N GLN C 282 8.87 21.10 -10.06
CA GLN C 282 9.43 21.05 -11.42
C GLN C 282 9.70 19.60 -11.88
N GLN C 283 10.32 18.80 -11.00
CA GLN C 283 10.55 17.38 -11.29
C GLN C 283 9.23 16.64 -11.36
N ALA C 284 8.30 16.98 -10.47
CA ALA C 284 7.05 16.26 -10.45
C ALA C 284 6.25 16.47 -11.77
N MET C 285 6.29 17.68 -12.30
CA MET C 285 5.63 17.96 -13.59
C MET C 285 6.26 17.21 -14.77
N VAL C 286 7.59 17.25 -14.88
CA VAL C 286 8.34 16.55 -15.94
C VAL C 286 7.97 15.04 -15.91
N ARG C 287 7.86 14.47 -14.72
CA ARG C 287 7.58 13.04 -14.59
C ARG C 287 6.12 12.74 -15.00
N ARG C 288 5.18 13.59 -14.61
CA ARG C 288 3.77 13.49 -15.01
C ARG C 288 3.53 13.60 -16.54
N GLU C 289 4.34 14.41 -17.18
CA GLU C 289 4.21 14.67 -18.60
C GLU C 289 4.94 13.69 -19.52
N SER C 290 5.88 12.95 -18.97
CA SER C 290 6.63 11.95 -19.68
C SER C 290 5.79 10.68 -19.81
N VAL C 291 5.70 10.16 -21.03
CA VAL C 291 4.95 8.96 -21.27
C VAL C 291 5.83 7.81 -21.72
N VAL C 292 5.31 6.62 -21.50
CA VAL C 292 5.88 5.40 -22.02
C VAL C 292 5.25 5.17 -23.42
N ASN C 293 6.07 4.83 -24.40
CA ASN C 293 5.55 4.32 -25.67
C ASN C 293 5.04 2.91 -25.44
N LEU C 294 3.74 2.85 -25.20
CA LEU C 294 3.06 1.64 -24.93
C LEU C 294 3.05 0.73 -26.15
N GLU C 295 3.13 1.31 -27.35
CA GLU C 295 3.09 0.48 -28.52
C GLU C 295 4.37 -0.41 -28.59
N ASN C 296 5.56 0.15 -28.34
CA ASN C 296 6.69 -0.76 -28.28
C ASN C 296 6.60 -1.71 -27.08
N PHE C 297 6.16 -1.20 -25.93
CA PHE C 297 5.97 -2.11 -24.78
C PHE C 297 5.05 -3.27 -25.13
N ARG C 298 3.89 -2.94 -25.71
CA ARG C 298 2.86 -3.95 -25.98
C ARG C 298 3.36 -4.96 -27.00
N LYS C 299 3.97 -4.46 -28.07
CA LYS C 299 4.44 -5.31 -29.14
C LYS C 299 5.52 -6.26 -28.64
N GLN C 300 6.38 -5.77 -27.75
CA GLN C 300 7.45 -6.58 -27.24
C GLN C 300 6.96 -7.60 -26.25
N TYR C 301 5.97 -7.23 -25.45
CA TYR C 301 5.40 -8.11 -24.45
C TYR C 301 4.64 -9.27 -25.09
N VAL C 302 3.83 -8.97 -26.08
CA VAL C 302 3.11 -10.03 -26.83
C VAL C 302 4.10 -11.05 -27.43
N ARG C 303 5.27 -10.56 -27.86
CA ARG C 303 6.29 -11.45 -28.43
C ARG C 303 6.88 -12.41 -27.38
N ARG C 304 6.95 -11.97 -26.13
CA ARG C 304 7.23 -12.87 -25.00
C ARG C 304 5.95 -13.65 -24.63
N ARG C 305 5.30 -14.24 -25.64
CA ARG C 305 4.14 -15.09 -25.45
C ARG C 305 3.80 -15.76 -26.78
N GLU D 3 20.28 -29.78 -48.33
CA GLU D 3 20.45 -28.87 -47.15
C GLU D 3 19.11 -28.36 -46.61
N PRO D 4 18.18 -27.90 -47.47
CA PRO D 4 16.92 -27.45 -46.88
C PRO D 4 16.17 -28.43 -45.99
N PHE D 5 15.59 -27.92 -44.92
CA PHE D 5 14.74 -28.77 -44.13
C PHE D 5 13.48 -29.13 -44.95
N LYS D 6 12.91 -30.30 -44.68
CA LYS D 6 11.71 -30.71 -45.38
C LYS D 6 10.45 -30.03 -44.88
N GLN D 7 9.70 -29.45 -45.81
CA GLN D 7 8.49 -28.70 -45.47
C GLN D 7 7.23 -29.59 -45.45
N GLN D 8 7.38 -30.83 -45.86
CA GLN D 8 6.27 -31.79 -45.85
C GLN D 8 5.94 -32.13 -44.40
N LYS D 9 4.71 -32.57 -44.14
CA LYS D 9 4.26 -32.84 -42.77
C LYS D 9 4.86 -34.16 -42.31
N VAL D 10 5.56 -34.19 -41.19
CA VAL D 10 6.28 -35.39 -40.80
C VAL D 10 5.32 -36.58 -40.62
N GLU D 11 4.14 -36.30 -40.06
CA GLU D 11 3.07 -37.33 -39.87
C GLU D 11 2.49 -37.91 -41.17
N ASP D 12 2.67 -37.21 -42.28
CA ASP D 12 2.37 -37.80 -43.60
C ASP D 12 3.38 -38.82 -44.02
N PHE D 13 4.56 -38.80 -43.41
CA PHE D 13 5.66 -39.69 -43.81
C PHE D 13 6.12 -40.69 -42.75
N TYR D 14 5.72 -40.45 -41.49
CA TYR D 14 6.11 -41.29 -40.38
C TYR D 14 4.91 -41.56 -39.49
N ASP D 15 4.83 -42.79 -39.01
CA ASP D 15 4.03 -43.15 -37.83
C ASP D 15 4.80 -42.66 -36.58
N ILE D 16 4.15 -41.83 -35.76
CA ILE D 16 4.77 -41.25 -34.56
C ILE D 16 4.24 -42.02 -33.36
N GLY D 17 5.15 -42.49 -32.51
CA GLY D 17 4.83 -43.35 -31.39
C GLY D 17 5.16 -42.71 -30.07
N GLU D 18 5.69 -43.51 -29.15
CA GLU D 18 5.75 -43.14 -27.75
C GLU D 18 7.00 -42.36 -27.45
N GLU D 19 6.87 -41.48 -26.47
CA GLU D 19 7.98 -40.67 -25.99
C GLU D 19 9.13 -41.50 -25.42
N LEU D 20 10.36 -41.14 -25.81
CA LEU D 20 11.59 -41.73 -25.29
C LEU D 20 12.34 -40.79 -24.35
N GLY D 21 12.02 -39.51 -24.40
CA GLY D 21 12.82 -38.45 -23.74
C GLY D 21 12.25 -37.06 -24.01
N SER D 22 12.74 -36.04 -23.29
CA SER D 22 12.08 -34.72 -23.31
C SER D 22 12.82 -33.56 -22.61
N GLY D 23 13.99 -33.20 -23.13
CA GLY D 23 14.84 -32.14 -22.56
C GLY D 23 14.26 -30.77 -22.82
N GLN D 24 15.16 -29.80 -22.94
CA GLN D 24 14.80 -28.37 -22.89
C GLN D 24 14.20 -27.92 -24.22
N PHE D 25 12.88 -27.78 -24.21
CA PHE D 25 12.12 -27.47 -25.42
C PHE D 25 12.27 -28.52 -26.52
N ALA D 26 12.60 -29.76 -26.13
CA ALA D 26 12.69 -30.91 -27.04
C ALA D 26 11.97 -32.12 -26.45
N ILE D 27 11.31 -32.87 -27.32
CA ILE D 27 10.65 -34.09 -27.00
C ILE D 27 11.05 -35.09 -28.07
N VAL D 28 11.48 -36.26 -27.61
CA VAL D 28 11.88 -37.37 -28.50
C VAL D 28 10.82 -38.49 -28.48
N LYS D 29 10.40 -38.89 -29.68
CA LYS D 29 9.40 -39.92 -29.87
C LYS D 29 9.89 -41.01 -30.81
N LYS D 30 9.50 -42.25 -30.56
CA LYS D 30 9.79 -43.30 -31.52
C LYS D 30 8.95 -43.03 -32.76
N CYS D 31 9.46 -43.41 -33.91
CA CYS D 31 8.68 -43.28 -35.14
C CYS D 31 9.11 -44.35 -36.16
N ARG D 32 8.34 -44.45 -37.24
CA ARG D 32 8.59 -45.44 -38.29
C ARG D 32 8.36 -44.74 -39.64
N GLU D 33 9.34 -44.81 -40.55
CA GLU D 33 9.21 -44.22 -41.89
C GLU D 33 8.31 -45.16 -42.67
N LYS D 34 7.19 -44.60 -43.15
CA LYS D 34 6.15 -45.35 -43.87
C LYS D 34 6.76 -46.06 -45.09
N SER D 35 7.59 -45.37 -45.83
CA SER D 35 8.07 -45.91 -47.11
C SER D 35 9.01 -47.10 -47.01
N THR D 36 9.85 -47.12 -45.97
CA THR D 36 10.83 -48.19 -45.79
C THR D 36 10.52 -49.14 -44.61
N GLY D 37 9.63 -48.72 -43.73
CA GLY D 37 9.26 -49.53 -42.60
C GLY D 37 10.26 -49.44 -41.47
N LEU D 38 11.31 -48.64 -41.65
CA LEU D 38 12.42 -48.57 -40.71
C LEU D 38 12.11 -47.62 -39.55
N GLU D 39 12.52 -48.00 -38.34
CA GLU D 39 12.27 -47.19 -37.14
C GLU D 39 13.41 -46.21 -36.86
N TYR D 40 13.03 -45.05 -36.31
CA TYR D 40 13.90 -43.93 -35.99
C TYR D 40 13.40 -43.31 -34.70
N ALA D 41 14.10 -42.26 -34.26
CA ALA D 41 13.67 -41.40 -33.19
C ALA D 41 13.50 -40.01 -33.86
N ALA D 42 12.36 -39.41 -33.57
CA ALA D 42 11.98 -38.06 -33.93
C ALA D 42 12.17 -37.09 -32.76
N LYS D 43 13.10 -36.14 -32.93
CA LYS D 43 13.35 -35.11 -31.90
C LYS D 43 12.66 -33.82 -32.35
N PHE D 44 11.62 -33.40 -31.63
CA PHE D 44 10.83 -32.23 -31.91
C PHE D 44 11.40 -31.14 -31.07
N ILE D 45 11.94 -30.10 -31.71
CA ILE D 45 12.56 -28.94 -31.08
C ILE D 45 11.66 -27.77 -31.35
N LYS D 46 11.18 -27.13 -30.28
CA LYS D 46 10.23 -26.01 -30.39
C LYS D 46 10.99 -24.78 -30.80
N LYS D 47 10.48 -24.10 -31.80
CA LYS D 47 11.07 -22.85 -32.29
C LYS D 47 10.62 -21.70 -31.41
N ARG D 48 11.56 -20.83 -31.09
CA ARG D 48 11.31 -19.56 -30.40
C ARG D 48 10.49 -18.60 -31.25
N GLN D 49 9.72 -17.71 -30.62
CA GLN D 49 9.01 -16.66 -31.37
C GLN D 49 9.89 -15.42 -31.50
N SER D 50 10.47 -14.99 -30.39
CA SER D 50 11.42 -13.88 -30.41
C SER D 50 12.53 -14.09 -29.36
N ARG D 51 13.53 -13.22 -29.38
CA ARG D 51 14.71 -13.43 -28.55
C ARG D 51 14.37 -13.41 -27.07
N ALA D 52 13.29 -12.71 -26.74
CA ALA D 52 12.82 -12.57 -25.37
C ALA D 52 11.81 -13.65 -24.99
N SER D 53 11.46 -14.51 -25.96
CA SER D 53 10.50 -15.58 -25.70
C SER D 53 10.93 -16.46 -24.53
N ARG D 54 9.94 -16.77 -23.71
CA ARG D 54 10.14 -17.67 -22.60
C ARG D 54 10.25 -19.10 -23.08
N ARG D 55 9.61 -19.39 -24.21
CA ARG D 55 9.59 -20.74 -24.78
C ARG D 55 10.30 -20.81 -26.12
N GLY D 56 11.00 -21.90 -26.35
CA GLY D 56 11.56 -22.22 -27.65
C GLY D 56 13.07 -22.01 -27.74
N VAL D 57 13.64 -22.56 -28.81
CA VAL D 57 15.05 -22.56 -29.05
C VAL D 57 15.33 -21.66 -30.23
N SER D 58 16.42 -20.91 -30.14
CA SER D 58 16.85 -20.03 -31.23
C SER D 58 17.15 -20.78 -32.51
N ARG D 59 16.94 -20.08 -33.61
CA ARG D 59 17.26 -20.61 -34.90
C ARG D 59 18.74 -20.94 -34.97
N GLU D 60 19.56 -20.05 -34.40
CA GLU D 60 21.00 -20.28 -34.33
C GLU D 60 21.36 -21.64 -33.72
N GLU D 61 20.73 -21.96 -32.59
CA GLU D 61 21.00 -23.17 -31.86
C GLU D 61 20.49 -24.41 -32.62
N ILE D 62 19.32 -24.32 -33.23
CA ILE D 62 18.79 -25.43 -34.00
C ILE D 62 19.67 -25.75 -35.24
N GLU D 63 20.06 -24.71 -35.98
CA GLU D 63 20.93 -24.87 -37.16
C GLU D 63 22.31 -25.40 -36.76
N ARG D 64 22.79 -25.00 -35.59
N ARG D 64 22.78 -24.99 -35.59
CA ARG D 64 24.09 -25.48 -35.13
CA ARG D 64 24.05 -25.47 -35.12
C ARG D 64 24.07 -26.97 -34.80
C ARG D 64 24.00 -26.97 -34.90
N GLU D 65 23.00 -27.40 -34.13
CA GLU D 65 22.84 -28.83 -33.83
C GLU D 65 22.78 -29.66 -35.12
N VAL D 66 21.94 -29.17 -36.05
CA VAL D 66 21.76 -29.88 -37.31
C VAL D 66 23.05 -29.95 -38.13
N SER D 67 23.79 -28.83 -38.16
CA SER D 67 25.01 -28.69 -38.98
C SER D 67 26.04 -29.72 -38.45
N ILE D 68 26.22 -29.76 -37.13
CA ILE D 68 27.10 -30.73 -36.53
C ILE D 68 26.64 -32.17 -36.78
N LEU D 69 25.35 -32.47 -36.59
CA LEU D 69 24.92 -33.84 -36.79
C LEU D 69 25.09 -34.29 -38.24
N ARG D 70 24.91 -33.38 -39.16
CA ARG D 70 25.14 -33.69 -40.61
C ARG D 70 26.59 -34.07 -40.94
N GLN D 71 27.56 -33.58 -40.12
CA GLN D 71 28.98 -33.86 -40.33
C GLN D 71 29.45 -35.17 -39.74
N VAL D 72 28.66 -35.72 -38.83
N VAL D 72 28.72 -35.72 -38.78
CA VAL D 72 29.14 -36.83 -38.05
CA VAL D 72 29.31 -36.79 -37.97
C VAL D 72 28.67 -38.17 -38.58
C VAL D 72 28.73 -38.21 -38.26
N LEU D 73 29.62 -39.08 -38.77
CA LEU D 73 29.29 -40.44 -39.18
C LEU D 73 30.35 -41.35 -38.54
N HIS D 74 30.01 -41.96 -37.41
CA HIS D 74 30.96 -42.81 -36.64
C HIS D 74 30.12 -43.89 -35.86
N HIS D 75 30.66 -45.09 -35.69
CA HIS D 75 29.93 -46.20 -35.06
C HIS D 75 29.57 -45.93 -33.60
N ASN D 76 30.26 -44.96 -32.96
CA ASN D 76 29.93 -44.59 -31.57
C ASN D 76 29.18 -43.25 -31.39
N VAL D 77 28.67 -42.71 -32.49
CA VAL D 77 27.96 -41.46 -32.48
C VAL D 77 26.62 -41.62 -33.22
N ILE D 78 25.60 -40.98 -32.69
CA ILE D 78 24.24 -41.10 -33.24
C ILE D 78 24.25 -40.55 -34.67
N THR D 79 23.47 -41.15 -35.55
CA THR D 79 23.47 -40.77 -36.99
C THR D 79 22.13 -40.10 -37.35
N LEU D 80 22.21 -38.91 -37.94
CA LEU D 80 21.02 -38.21 -38.45
C LEU D 80 20.51 -38.80 -39.75
N HIS D 81 19.21 -38.91 -39.85
CA HIS D 81 18.55 -39.41 -41.04
C HIS D 81 17.89 -38.30 -41.91
N ASP D 82 17.18 -37.38 -41.26
CA ASP D 82 16.43 -36.35 -41.95
C ASP D 82 16.05 -35.22 -41.03
N VAL D 83 15.59 -34.14 -41.61
CA VAL D 83 15.14 -32.97 -40.87
C VAL D 83 13.89 -32.36 -41.53
N TYR D 84 12.84 -32.19 -40.73
CA TYR D 84 11.58 -31.56 -41.18
C TYR D 84 11.37 -30.29 -40.37
N GLU D 85 10.58 -29.38 -40.91
CA GLU D 85 10.23 -28.18 -40.21
C GLU D 85 8.78 -27.80 -40.51
N ASN D 86 8.10 -27.40 -39.45
CA ASN D 86 6.67 -26.93 -39.56
C ASN D 86 6.61 -25.58 -38.87
N ARG D 87 5.42 -25.07 -38.62
CA ARG D 87 5.31 -23.71 -38.12
C ARG D 87 5.87 -23.63 -36.71
N THR D 88 5.77 -24.72 -35.97
CA THR D 88 6.11 -24.69 -34.55
C THR D 88 7.39 -25.38 -34.17
N ASP D 89 7.77 -26.42 -34.93
CA ASP D 89 8.89 -27.29 -34.54
C ASP D 89 9.83 -27.53 -35.72
N VAL D 90 11.08 -27.83 -35.40
CA VAL D 90 12.00 -28.42 -36.31
C VAL D 90 12.14 -29.85 -35.77
N VAL D 91 12.02 -30.84 -36.66
CA VAL D 91 12.01 -32.23 -36.29
C VAL D 91 13.22 -32.95 -36.89
N LEU D 92 14.11 -33.46 -36.01
CA LEU D 92 15.27 -34.23 -36.40
C LEU D 92 14.86 -35.72 -36.36
N ILE D 93 14.98 -36.39 -37.49
CA ILE D 93 14.87 -37.82 -37.60
C ILE D 93 16.25 -38.46 -37.42
N LEU D 94 16.40 -39.16 -36.29
CA LEU D 94 17.69 -39.69 -35.84
C LEU D 94 17.65 -41.23 -35.77
N GLU D 95 18.82 -41.81 -35.85
CA GLU D 95 19.03 -43.19 -35.44
C GLU D 95 18.33 -43.54 -34.12
N LEU D 96 17.54 -44.63 -34.14
CA LEU D 96 16.91 -45.10 -32.92
C LEU D 96 17.91 -45.93 -32.14
N VAL D 97 18.14 -45.53 -30.89
CA VAL D 97 19.10 -46.20 -30.03
C VAL D 97 18.25 -46.61 -28.83
N SER D 98 17.88 -47.87 -28.77
CA SER D 98 16.82 -48.30 -27.86
C SER D 98 17.32 -49.26 -26.76
N GLY D 99 18.64 -49.34 -26.55
CA GLY D 99 19.21 -50.26 -25.54
C GLY D 99 19.43 -49.63 -24.17
N GLY D 100 18.92 -48.42 -24.00
CA GLY D 100 19.05 -47.71 -22.75
C GLY D 100 20.44 -47.20 -22.39
N GLU D 101 20.51 -46.65 -21.18
CA GLU D 101 21.71 -45.95 -20.72
C GLU D 101 22.75 -47.00 -20.33
N LEU D 102 24.02 -46.70 -20.61
CA LEU D 102 25.10 -47.58 -20.24
C LEU D 102 25.03 -47.93 -18.74
N PHE D 103 24.82 -46.94 -17.90
CA PHE D 103 24.91 -47.20 -16.45
C PHE D 103 23.79 -48.15 -16.00
N ASP D 104 22.64 -48.06 -16.66
CA ASP D 104 21.56 -48.99 -16.33
C ASP D 104 21.96 -50.42 -16.63
N PHE D 105 22.64 -50.67 -17.74
CA PHE D 105 23.16 -51.98 -18.08
C PHE D 105 24.21 -52.41 -17.03
N LEU D 106 25.13 -51.51 -16.67
CA LEU D 106 26.19 -51.92 -15.75
C LEU D 106 25.61 -52.27 -14.36
N ALA D 107 24.55 -51.55 -13.97
CA ALA D 107 23.93 -51.76 -12.65
C ALA D 107 23.25 -53.12 -12.48
N GLN D 108 22.94 -53.80 -13.58
CA GLN D 108 22.36 -55.14 -13.57
C GLN D 108 23.43 -56.24 -13.60
N LYS D 109 24.69 -55.89 -13.77
CA LYS D 109 25.76 -56.86 -13.72
C LYS D 109 25.99 -57.43 -12.33
N GLU D 110 26.53 -58.63 -12.26
CA GLU D 110 26.92 -59.22 -10.99
C GLU D 110 28.42 -59.06 -10.76
N SER D 111 29.19 -58.94 -11.86
CA SER D 111 30.65 -58.82 -11.83
C SER D 111 31.06 -57.80 -12.87
N LEU D 112 32.05 -56.95 -12.61
CA LEU D 112 32.57 -56.03 -13.61
C LEU D 112 34.04 -55.73 -13.34
N SER D 113 34.93 -56.20 -14.21
CA SER D 113 36.35 -55.95 -14.03
C SER D 113 36.72 -54.61 -14.66
N GLU D 114 37.90 -54.08 -14.31
CA GLU D 114 38.40 -52.85 -14.92
C GLU D 114 38.66 -53.06 -16.39
N GLU D 115 39.05 -54.29 -16.77
CA GLU D 115 39.16 -54.61 -18.17
C GLU D 115 37.85 -54.37 -18.91
N GLU D 116 36.76 -54.89 -18.41
CA GLU D 116 35.46 -54.68 -19.04
C GLU D 116 35.09 -53.21 -18.99
N ALA D 117 35.39 -52.58 -17.86
CA ALA D 117 35.04 -51.17 -17.73
C ALA D 117 35.74 -50.31 -18.80
N THR D 118 37.00 -50.62 -19.05
CA THR D 118 37.78 -49.85 -20.02
C THR D 118 37.31 -50.13 -21.42
N SER D 119 36.67 -51.29 -21.63
N SER D 119 36.74 -51.29 -21.67
CA SER D 119 36.05 -51.70 -22.92
CA SER D 119 36.20 -51.55 -23.00
C SER D 119 34.87 -50.80 -23.32
C SER D 119 35.10 -50.52 -23.28
N PHE D 120 34.21 -50.28 -22.31
CA PHE D 120 33.14 -49.28 -22.48
C PHE D 120 33.72 -47.86 -22.55
N ILE D 121 34.63 -47.53 -21.62
N ILE D 121 34.64 -47.56 -21.63
CA ILE D 121 35.26 -46.21 -21.66
CA ILE D 121 35.27 -46.26 -21.62
C ILE D 121 35.94 -45.98 -23.01
C ILE D 121 35.98 -45.98 -22.96
N LYS D 122 36.67 -46.98 -23.50
CA LYS D 122 37.32 -46.81 -24.81
C LYS D 122 36.31 -46.48 -25.95
N GLN D 123 35.11 -47.11 -25.93
CA GLN D 123 34.09 -46.74 -26.92
C GLN D 123 33.73 -45.24 -26.84
N ILE D 124 33.60 -44.73 -25.62
CA ILE D 124 33.34 -43.30 -25.41
C ILE D 124 34.54 -42.44 -25.96
N LEU D 125 35.76 -42.83 -25.62
CA LEU D 125 36.95 -42.17 -26.11
C LEU D 125 37.05 -42.15 -27.63
N ASP D 126 36.72 -43.28 -28.26
CA ASP D 126 36.75 -43.40 -29.75
C ASP D 126 35.76 -42.39 -30.41
N GLY D 127 34.56 -42.31 -29.87
CA GLY D 127 33.58 -41.34 -30.29
C GLY D 127 34.04 -39.94 -30.10
N VAL D 128 34.56 -39.64 -28.91
CA VAL D 128 35.04 -38.28 -28.64
C VAL D 128 36.25 -37.93 -29.51
N ASN D 129 37.13 -38.90 -29.74
CA ASN D 129 38.25 -38.69 -30.62
C ASN D 129 37.79 -38.30 -32.02
N TYR D 130 36.81 -39.02 -32.55
CA TYR D 130 36.24 -38.74 -33.87
C TYR D 130 35.72 -37.26 -33.92
N LEU D 131 35.01 -36.83 -32.86
CA LEU D 131 34.51 -35.44 -32.77
C LEU D 131 35.63 -34.42 -32.68
N HIS D 132 36.54 -34.64 -31.73
CA HIS D 132 37.63 -33.70 -31.49
C HIS D 132 38.52 -33.51 -32.69
N THR D 133 38.68 -34.57 -33.51
CA THR D 133 39.48 -34.43 -34.76
C THR D 133 38.83 -33.43 -35.75
N LYS D 134 37.50 -33.36 -35.75
CA LYS D 134 36.71 -32.41 -36.49
C LYS D 134 36.50 -31.09 -35.77
N LYS D 135 37.20 -30.91 -34.64
CA LYS D 135 37.12 -29.71 -33.79
C LYS D 135 35.70 -29.48 -33.29
N ILE D 136 34.97 -30.58 -33.01
CA ILE D 136 33.65 -30.50 -32.42
C ILE D 136 33.74 -30.88 -30.95
N ALA D 137 33.37 -29.93 -30.08
CA ALA D 137 33.17 -30.25 -28.67
C ALA D 137 31.72 -30.72 -28.43
N HIS D 138 31.56 -31.78 -27.66
CA HIS D 138 30.18 -32.28 -27.39
C HIS D 138 29.49 -31.40 -26.32
N PHE D 139 30.20 -31.12 -25.24
CA PHE D 139 29.80 -30.19 -24.20
C PHE D 139 28.60 -30.64 -23.31
N ASP D 140 28.18 -31.90 -23.42
CA ASP D 140 27.12 -32.47 -22.58
C ASP D 140 27.40 -33.94 -22.36
N LEU D 141 28.66 -34.25 -22.10
CA LEU D 141 29.04 -35.65 -21.85
C LEU D 141 28.69 -35.93 -20.37
N LYS D 142 27.74 -36.85 -20.22
CA LYS D 142 27.21 -37.30 -18.95
C LYS D 142 26.51 -38.63 -19.15
N PRO D 143 26.31 -39.39 -18.05
CA PRO D 143 25.79 -40.74 -18.24
C PRO D 143 24.50 -40.89 -19.05
N GLU D 144 23.56 -39.96 -18.92
CA GLU D 144 22.31 -40.09 -19.68
C GLU D 144 22.49 -39.92 -21.18
N ASN D 145 23.61 -39.35 -21.59
CA ASN D 145 23.93 -39.19 -23.02
C ASN D 145 24.79 -40.32 -23.60
N ILE D 146 25.05 -41.36 -22.80
CA ILE D 146 25.85 -42.49 -23.21
C ILE D 146 24.87 -43.68 -23.27
N MET D 147 24.38 -43.95 -24.48
CA MET D 147 23.37 -44.94 -24.72
C MET D 147 23.95 -46.22 -25.35
N LEU D 148 23.17 -47.30 -25.35
CA LEU D 148 23.51 -48.58 -25.95
C LEU D 148 22.56 -48.89 -27.09
N LEU D 149 23.07 -49.48 -28.16
CA LEU D 149 22.19 -50.01 -29.21
C LEU D 149 21.33 -51.17 -28.77
N ASP D 150 21.91 -52.09 -28.02
CA ASP D 150 21.28 -53.40 -27.74
C ASP D 150 21.84 -53.92 -26.42
N LYS D 151 20.97 -53.91 -25.41
CA LYS D 151 21.33 -54.30 -24.06
C LYS D 151 21.46 -55.82 -24.00
N ASN D 152 20.76 -56.51 -24.90
CA ASN D 152 20.68 -57.98 -24.87
C ASN D 152 21.78 -58.69 -25.64
N ILE D 153 22.95 -58.06 -25.77
CA ILE D 153 24.18 -58.76 -26.18
C ILE D 153 25.26 -58.69 -25.08
N PRO D 154 26.22 -59.60 -25.11
CA PRO D 154 27.20 -59.65 -24.00
C PRO D 154 28.08 -58.44 -23.80
N ILE D 155 28.51 -57.76 -24.86
CA ILE D 155 29.29 -56.52 -24.69
C ILE D 155 28.71 -55.39 -25.55
N PRO D 156 27.74 -54.67 -25.00
CA PRO D 156 26.98 -53.68 -25.76
C PRO D 156 27.76 -52.53 -26.46
N HIS D 157 27.17 -51.97 -27.49
CA HIS D 157 27.79 -50.96 -28.34
C HIS D 157 27.25 -49.60 -27.93
N ILE D 158 28.17 -48.70 -27.59
CA ILE D 158 27.83 -47.33 -27.16
C ILE D 158 27.59 -46.35 -28.30
N LYS D 159 26.57 -45.51 -28.11
CA LYS D 159 26.29 -44.36 -28.91
C LYS D 159 26.22 -43.14 -28.05
N LEU D 160 26.99 -42.13 -28.46
CA LEU D 160 26.88 -40.80 -27.87
C LEU D 160 25.73 -40.08 -28.55
N ILE D 161 24.82 -39.56 -27.73
CA ILE D 161 23.64 -38.84 -28.20
C ILE D 161 23.66 -37.41 -27.67
N ASP D 162 22.65 -36.65 -28.10
CA ASP D 162 22.30 -35.34 -27.60
C ASP D 162 23.38 -34.26 -27.85
N PHE D 163 23.33 -33.76 -29.08
CA PHE D 163 24.25 -32.75 -29.54
C PHE D 163 23.70 -31.35 -29.37
N GLY D 164 22.78 -31.17 -28.46
CA GLY D 164 22.16 -29.87 -28.20
C GLY D 164 23.09 -28.75 -27.72
N LEU D 165 24.21 -29.13 -27.09
CA LEU D 165 25.18 -28.18 -26.59
C LEU D 165 26.45 -28.15 -27.42
N ALA D 166 26.57 -29.05 -28.40
CA ALA D 166 27.81 -29.21 -29.14
C ALA D 166 28.14 -27.94 -29.90
N HIS D 167 29.43 -27.73 -30.08
CA HIS D 167 29.95 -26.50 -30.71
C HIS D 167 31.25 -26.77 -31.48
N GLU D 168 31.36 -26.18 -32.66
CA GLU D 168 32.63 -26.18 -33.38
C GLU D 168 33.57 -25.17 -32.75
N ILE D 169 34.74 -25.66 -32.37
CA ILE D 169 35.78 -24.81 -31.77
C ILE D 169 36.62 -24.21 -32.91
N GLU D 170 36.53 -22.89 -33.08
CA GLU D 170 37.11 -22.18 -34.21
C GLU D 170 38.41 -21.57 -33.73
N ASP D 171 39.46 -21.87 -34.48
CA ASP D 171 40.84 -21.82 -34.01
C ASP D 171 41.32 -20.46 -33.48
N GLY D 172 40.69 -19.35 -33.91
CA GLY D 172 41.04 -18.04 -33.37
C GLY D 172 39.99 -17.38 -32.49
N VAL D 173 38.84 -18.03 -32.31
CA VAL D 173 37.65 -17.37 -31.81
C VAL D 173 37.35 -17.86 -30.42
N GLU D 174 37.34 -16.95 -29.46
CA GLU D 174 37.03 -17.29 -28.08
C GLU D 174 35.54 -17.61 -27.91
N PHE D 175 35.30 -18.74 -27.24
CA PHE D 175 33.95 -19.18 -26.88
C PHE D 175 33.83 -19.28 -25.35
N LYS D 176 32.92 -18.46 -24.81
CA LYS D 176 32.57 -18.45 -23.40
C LYS D 176 31.07 -18.58 -23.24
N ASN D 177 30.68 -19.44 -22.32
CA ASN D 177 29.25 -19.62 -22.05
C ASN D 177 29.13 -20.44 -20.75
N ILE D 178 27.90 -20.51 -20.21
CA ILE D 178 27.60 -21.28 -18.99
C ILE D 178 26.41 -22.16 -19.35
N PHE D 179 26.60 -23.47 -19.21
CA PHE D 179 25.65 -24.45 -19.66
C PHE D 179 26.02 -25.81 -19.08
N GLY D 180 25.14 -26.80 -19.24
CA GLY D 180 25.46 -28.16 -18.83
C GLY D 180 24.84 -28.47 -17.47
N THR D 181 25.16 -29.66 -17.02
CA THR D 181 24.69 -30.19 -15.73
C THR D 181 25.84 -30.01 -14.70
N PRO D 182 25.63 -29.22 -13.61
CA PRO D 182 26.71 -28.89 -12.72
C PRO D 182 27.62 -30.04 -12.32
N GLU D 183 27.08 -31.17 -11.88
CA GLU D 183 27.90 -32.32 -11.47
C GLU D 183 29.05 -32.65 -12.47
N PHE D 184 28.83 -32.39 -13.78
CA PHE D 184 29.70 -32.89 -14.85
C PHE D 184 30.54 -31.82 -15.58
N VAL D 185 30.37 -30.54 -15.24
CA VAL D 185 31.01 -29.47 -15.99
C VAL D 185 32.36 -29.12 -15.41
N ALA D 186 33.24 -28.71 -16.32
CA ALA D 186 34.63 -28.35 -15.95
C ALA D 186 34.68 -26.98 -15.29
N PRO D 187 35.82 -26.66 -14.59
CA PRO D 187 35.94 -25.36 -13.88
C PRO D 187 35.84 -24.15 -14.82
N GLU D 188 36.29 -24.32 -16.08
CA GLU D 188 36.21 -23.20 -17.04
C GLU D 188 34.81 -22.78 -17.41
N ILE D 189 33.86 -23.72 -17.40
CA ILE D 189 32.44 -23.40 -17.57
C ILE D 189 31.95 -22.60 -16.32
N VAL D 190 32.17 -23.16 -15.13
CA VAL D 190 31.74 -22.46 -13.88
C VAL D 190 32.31 -21.04 -13.76
N ASN D 191 33.56 -20.93 -14.18
CA ASN D 191 34.33 -19.69 -14.02
C ASN D 191 34.18 -18.73 -15.21
N TYR D 192 33.38 -19.11 -16.19
CA TYR D 192 33.16 -18.25 -17.38
C TYR D 192 34.49 -17.84 -18.04
N GLU D 193 35.28 -18.87 -18.32
CA GLU D 193 36.60 -18.77 -18.98
C GLU D 193 36.54 -19.40 -20.33
N PRO D 194 37.54 -19.12 -21.19
CA PRO D 194 37.53 -19.66 -22.54
C PRO D 194 37.33 -21.18 -22.57
N LEU D 195 36.51 -21.62 -23.51
CA LEU D 195 36.14 -23.03 -23.61
C LEU D 195 36.72 -23.60 -24.88
N GLY D 196 36.91 -24.92 -24.87
CA GLY D 196 37.34 -25.63 -26.06
C GLY D 196 37.13 -27.11 -25.88
N LEU D 197 37.97 -27.90 -26.51
CA LEU D 197 37.83 -29.36 -26.43
C LEU D 197 38.15 -29.95 -25.04
N GLU D 198 38.85 -29.18 -24.20
CA GLU D 198 39.27 -29.72 -22.90
C GLU D 198 38.10 -30.05 -21.98
N ALA D 199 36.98 -29.29 -22.02
CA ALA D 199 35.84 -29.55 -21.11
C ALA D 199 35.32 -30.97 -21.18
N ASP D 200 35.23 -31.53 -22.40
CA ASP D 200 34.80 -32.91 -22.62
C ASP D 200 35.71 -33.89 -21.86
N MET D 201 37.01 -33.59 -21.81
CA MET D 201 37.99 -34.48 -21.18
C MET D 201 37.75 -34.50 -19.65
N TRP D 202 37.43 -33.34 -19.06
CA TRP D 202 37.06 -33.26 -17.63
C TRP D 202 35.82 -34.16 -17.40
N SER D 203 34.76 -33.98 -18.21
CA SER D 203 33.54 -34.77 -18.08
C SER D 203 33.81 -36.26 -18.15
N ILE D 204 34.71 -36.69 -19.03
CA ILE D 204 35.11 -38.09 -19.11
C ILE D 204 35.73 -38.59 -17.77
N GLY D 205 36.56 -37.76 -17.13
CA GLY D 205 37.12 -38.08 -15.83
C GLY D 205 36.01 -38.26 -14.82
N VAL D 206 35.02 -37.35 -14.81
CA VAL D 206 33.89 -37.49 -13.87
C VAL D 206 33.13 -38.79 -14.10
N ILE D 207 32.81 -39.08 -15.36
CA ILE D 207 32.04 -40.25 -15.68
C ILE D 207 32.80 -41.51 -15.25
N THR D 208 34.10 -41.51 -15.49
CA THR D 208 34.98 -42.65 -15.14
C THR D 208 35.01 -42.85 -13.62
N TYR D 209 35.11 -41.77 -12.86
CA TYR D 209 35.17 -41.83 -11.40
C TYR D 209 33.90 -42.47 -10.88
N ILE D 210 32.75 -42.05 -11.44
CA ILE D 210 31.49 -42.61 -11.08
C ILE D 210 31.34 -44.13 -11.44
N LEU D 211 31.68 -44.45 -12.66
CA LEU D 211 31.62 -45.83 -13.15
C LEU D 211 32.39 -46.77 -12.20
N LEU D 212 33.59 -46.38 -11.81
CA LEU D 212 34.43 -47.23 -10.99
C LEU D 212 34.00 -47.30 -9.53
N SER D 213 33.38 -46.26 -8.99
CA SER D 213 33.19 -46.16 -7.56
C SER D 213 31.75 -46.05 -7.09
N GLY D 214 30.86 -45.61 -7.99
CA GLY D 214 29.50 -45.25 -7.61
C GLY D 214 29.40 -43.84 -7.00
N ALA D 215 30.52 -43.27 -6.60
CA ALA D 215 30.48 -41.94 -6.01
C ALA D 215 30.83 -40.88 -7.09
N SER D 216 30.42 -39.65 -6.85
CA SER D 216 30.67 -38.54 -7.77
C SER D 216 31.70 -37.58 -7.13
N PRO D 217 32.73 -37.17 -7.92
CA PRO D 217 33.86 -36.50 -7.31
C PRO D 217 33.54 -35.16 -6.65
N PHE D 218 32.71 -34.36 -7.29
CA PHE D 218 32.47 -32.98 -6.89
C PHE D 218 31.08 -32.73 -6.40
N LEU D 219 30.20 -33.72 -6.52
CA LEU D 219 28.80 -33.50 -6.20
C LEU D 219 28.65 -33.15 -4.69
N GLY D 220 27.94 -32.05 -4.43
CA GLY D 220 27.63 -31.66 -3.08
C GLY D 220 26.16 -31.86 -2.77
N ASP D 221 25.73 -31.39 -1.60
CA ASP D 221 24.31 -31.50 -1.22
C ASP D 221 23.40 -30.58 -2.05
N THR D 222 23.96 -29.46 -2.53
CA THR D 222 23.24 -28.53 -3.36
C THR D 222 24.20 -28.06 -4.44
N LYS D 223 23.63 -27.40 -5.45
CA LYS D 223 24.41 -26.77 -6.53
C LYS D 223 25.49 -25.87 -5.96
N GLN D 224 25.15 -25.07 -4.94
CA GLN D 224 26.16 -24.22 -4.31
C GLN D 224 27.45 -24.98 -3.93
N GLU D 225 27.29 -26.09 -3.21
CA GLU D 225 28.47 -26.93 -2.84
C GLU D 225 29.21 -27.58 -4.03
N THR D 226 28.47 -28.08 -5.01
CA THR D 226 29.06 -28.61 -6.24
C THR D 226 29.95 -27.64 -6.96
N LEU D 227 29.46 -26.43 -7.17
CA LEU D 227 30.25 -25.44 -7.87
C LEU D 227 31.53 -25.06 -7.09
N ALA D 228 31.43 -24.96 -5.75
CA ALA D 228 32.62 -24.71 -4.93
C ALA D 228 33.61 -25.89 -5.02
N ASN D 229 33.12 -27.12 -5.01
CA ASN D 229 33.99 -28.27 -5.11
C ASN D 229 34.70 -28.28 -6.50
N ILE D 230 33.95 -28.03 -7.58
CA ILE D 230 34.55 -28.05 -8.92
C ILE D 230 35.70 -26.99 -9.03
N THR D 231 35.42 -25.78 -8.58
CA THR D 231 36.32 -24.68 -8.82
C THR D 231 37.59 -24.75 -7.96
N SER D 232 37.48 -25.39 -6.81
CA SER D 232 38.65 -25.65 -5.94
C SER D 232 39.29 -27.04 -6.21
N VAL D 233 38.80 -27.76 -7.23
CA VAL D 233 39.17 -29.16 -7.48
C VAL D 233 39.23 -30.00 -6.18
N SER D 234 38.19 -29.89 -5.35
CA SER D 234 38.11 -30.65 -4.10
C SER D 234 37.46 -32.01 -4.35
N TYR D 235 38.33 -33.02 -4.45
CA TYR D 235 37.87 -34.40 -4.55
C TYR D 235 38.93 -35.26 -3.99
N ASP D 236 38.62 -36.50 -3.68
CA ASP D 236 39.66 -37.44 -3.31
C ASP D 236 39.33 -38.84 -3.77
N PHE D 237 40.21 -39.79 -3.47
CA PHE D 237 39.96 -41.19 -3.78
C PHE D 237 39.83 -41.96 -2.46
N ASP D 238 38.82 -41.62 -1.67
CA ASP D 238 38.69 -42.25 -0.38
C ASP D 238 38.46 -43.76 -0.48
N GLU D 239 39.20 -44.49 0.36
CA GLU D 239 39.15 -45.95 0.45
C GLU D 239 37.71 -46.48 0.61
N GLU D 240 36.82 -45.69 1.20
CA GLU D 240 35.42 -46.12 1.25
C GLU D 240 34.82 -46.48 -0.12
N PHE D 241 35.28 -45.79 -1.15
CA PHE D 241 34.77 -46.00 -2.50
C PHE D 241 35.84 -46.56 -3.49
N PHE D 242 37.12 -46.38 -3.19
CA PHE D 242 38.23 -46.73 -4.10
C PHE D 242 39.11 -47.92 -3.67
N SER D 243 38.59 -48.69 -2.73
CA SER D 243 39.36 -49.78 -2.13
C SER D 243 39.68 -50.89 -3.12
N HIS D 244 38.84 -51.05 -4.16
CA HIS D 244 39.01 -52.07 -5.21
C HIS D 244 39.72 -51.56 -6.44
N THR D 245 39.93 -50.25 -6.50
CA THR D 245 40.38 -49.61 -7.72
C THR D 245 41.90 -49.60 -7.88
N SER D 246 42.36 -49.84 -9.07
CA SER D 246 43.78 -49.89 -9.38
C SER D 246 44.42 -48.49 -9.39
N GLU D 247 45.72 -48.42 -9.12
CA GLU D 247 46.48 -47.19 -9.23
C GLU D 247 46.46 -46.61 -10.65
N LEU D 248 46.56 -47.46 -11.67
CA LEU D 248 46.39 -47.08 -13.07
C LEU D 248 45.12 -46.31 -13.31
N ALA D 249 44.00 -46.83 -12.81
CA ALA D 249 42.73 -46.12 -13.01
C ALA D 249 42.71 -44.77 -12.32
N LYS D 250 43.19 -44.72 -11.07
CA LYS D 250 43.21 -43.48 -10.35
C LYS D 250 44.08 -42.44 -11.09
N ASP D 251 45.17 -42.91 -11.67
CA ASP D 251 46.11 -42.06 -12.45
C ASP D 251 45.40 -41.46 -13.68
N PHE D 252 44.62 -42.30 -14.35
CA PHE D 252 43.85 -41.85 -15.51
C PHE D 252 42.93 -40.68 -15.11
N ILE D 253 42.16 -40.95 -14.05
CA ILE D 253 41.24 -39.94 -13.53
C ILE D 253 41.99 -38.64 -13.13
N ARG D 254 43.05 -38.80 -12.36
CA ARG D 254 43.80 -37.69 -11.83
C ARG D 254 44.35 -36.78 -12.92
N LYS D 255 44.62 -37.37 -14.07
CA LYS D 255 45.15 -36.61 -15.18
C LYS D 255 44.07 -35.88 -15.98
N LEU D 256 42.84 -36.27 -15.74
CA LEU D 256 41.68 -35.66 -16.36
C LEU D 256 41.07 -34.53 -15.56
N LEU D 257 41.03 -34.71 -14.23
CA LEU D 257 40.38 -33.75 -13.34
C LEU D 257 41.40 -32.73 -12.89
N VAL D 258 41.83 -31.97 -13.92
CA VAL D 258 42.91 -30.96 -13.79
C VAL D 258 42.33 -29.57 -14.21
N LYS D 259 42.46 -28.55 -13.36
CA LYS D 259 41.87 -27.25 -13.65
C LYS D 259 42.53 -26.62 -14.85
N GLU D 260 43.87 -26.65 -14.86
CA GLU D 260 44.58 -25.96 -15.91
C GLU D 260 44.35 -26.70 -17.20
N THR D 261 43.68 -26.03 -18.14
CA THR D 261 43.24 -26.70 -19.37
C THR D 261 44.40 -27.22 -20.19
N ARG D 262 45.52 -26.49 -20.17
CA ARG D 262 46.71 -26.88 -20.93
C ARG D 262 47.33 -28.17 -20.41
N LYS D 263 47.17 -28.45 -19.13
CA LYS D 263 47.84 -29.60 -18.50
C LYS D 263 46.92 -30.86 -18.49
N ARG D 264 45.63 -30.64 -18.73
CA ARG D 264 44.67 -31.74 -18.78
C ARG D 264 44.95 -32.65 -19.98
N LEU D 265 44.76 -33.94 -19.83
CA LEU D 265 44.96 -34.86 -20.96
C LEU D 265 44.03 -34.53 -22.12
N THR D 266 44.56 -34.58 -23.34
CA THR D 266 43.80 -34.55 -24.57
C THR D 266 43.27 -35.93 -24.85
N ILE D 267 42.38 -35.99 -25.82
CA ILE D 267 41.73 -37.19 -26.16
C ILE D 267 42.72 -38.24 -26.63
N GLN D 268 43.68 -37.80 -27.42
CA GLN D 268 44.73 -38.74 -27.84
C GLN D 268 45.61 -39.25 -26.70
N GLU D 269 45.96 -38.35 -25.77
CA GLU D 269 46.74 -38.76 -24.63
C GLU D 269 45.90 -39.72 -23.73
N ALA D 270 44.58 -39.49 -23.66
CA ALA D 270 43.72 -40.37 -22.83
C ALA D 270 43.69 -41.79 -23.45
N LEU D 271 43.59 -41.84 -24.78
CA LEU D 271 43.56 -43.12 -25.50
C LEU D 271 44.88 -43.90 -25.35
N ARG D 272 45.99 -43.19 -25.22
CA ARG D 272 47.31 -43.81 -25.05
C ARG D 272 47.67 -44.10 -23.61
N HIS D 273 46.83 -43.64 -22.66
CA HIS D 273 47.12 -43.89 -21.24
C HIS D 273 47.15 -45.42 -20.99
N PRO D 274 48.11 -45.91 -20.18
CA PRO D 274 48.22 -47.37 -19.96
C PRO D 274 47.02 -48.08 -19.32
N TRP D 275 46.12 -47.32 -18.68
CA TRP D 275 44.91 -47.98 -18.20
C TRP D 275 44.03 -48.38 -19.37
N ILE D 276 44.07 -47.55 -20.42
CA ILE D 276 43.26 -47.78 -21.61
C ILE D 276 43.98 -48.72 -22.54
N THR D 277 45.27 -48.46 -22.76
CA THR D 277 46.07 -49.21 -23.73
C THR D 277 47.33 -49.69 -23.05
N PRO D 278 47.27 -50.83 -22.34
CA PRO D 278 48.44 -51.36 -21.63
C PRO D 278 49.65 -51.58 -22.56
N VAL D 279 50.82 -51.23 -22.04
CA VAL D 279 52.08 -51.42 -22.76
C VAL D 279 52.67 -52.81 -22.56
N ASP D 280 52.27 -53.46 -21.48
CA ASP D 280 52.82 -54.79 -21.21
C ASP D 280 51.79 -55.69 -20.54
N ASN D 281 52.08 -56.98 -20.48
CA ASN D 281 51.14 -57.93 -19.84
C ASN D 281 50.98 -57.69 -18.36
N GLN D 282 51.95 -57.08 -17.69
CA GLN D 282 51.78 -56.80 -16.24
C GLN D 282 50.61 -55.86 -16.01
N GLN D 283 50.56 -54.76 -16.78
CA GLN D 283 49.46 -53.79 -16.67
C GLN D 283 48.14 -54.42 -17.06
N ALA D 284 48.16 -55.24 -18.12
CA ALA D 284 46.95 -55.92 -18.57
C ALA D 284 46.42 -56.84 -17.45
N MET D 285 47.30 -57.58 -16.75
CA MET D 285 46.83 -58.46 -15.65
C MET D 285 46.19 -57.67 -14.49
N VAL D 286 46.81 -56.56 -14.13
CA VAL D 286 46.25 -55.72 -13.05
C VAL D 286 44.82 -55.31 -13.37
N ARG D 287 44.64 -54.90 -14.62
CA ARG D 287 43.34 -54.43 -15.05
C ARG D 287 42.28 -55.53 -15.04
N ARG D 288 42.69 -56.72 -15.46
N ARG D 288 42.66 -56.74 -15.46
CA ARG D 288 41.80 -57.86 -15.57
CA ARG D 288 41.75 -57.91 -15.54
C ARG D 288 41.34 -58.23 -14.16
C ARG D 288 41.41 -58.46 -14.16
N GLU D 289 42.25 -58.15 -13.18
CA GLU D 289 41.99 -58.65 -11.81
C GLU D 289 41.30 -57.62 -10.89
N SER D 290 41.33 -56.37 -11.29
CA SER D 290 40.75 -55.28 -10.52
C SER D 290 39.27 -55.25 -10.83
N VAL D 291 38.44 -55.29 -9.78
CA VAL D 291 37.00 -55.29 -9.98
C VAL D 291 36.41 -53.97 -9.54
N VAL D 292 35.24 -53.69 -10.10
CA VAL D 292 34.39 -52.60 -9.66
C VAL D 292 33.44 -53.19 -8.60
N ASN D 293 33.32 -52.49 -7.48
CA ASN D 293 32.34 -52.92 -6.50
C ASN D 293 30.96 -52.46 -6.96
N LEU D 294 30.19 -53.40 -7.48
CA LEU D 294 28.93 -53.07 -8.09
C LEU D 294 27.87 -52.72 -7.07
N GLU D 295 28.06 -53.14 -5.80
CA GLU D 295 27.10 -52.84 -4.77
C GLU D 295 27.02 -51.33 -4.61
N ASN D 296 28.17 -50.68 -4.45
CA ASN D 296 28.15 -49.20 -4.35
C ASN D 296 27.66 -48.57 -5.63
N PHE D 297 28.14 -49.06 -6.78
CA PHE D 297 27.61 -48.55 -8.02
C PHE D 297 26.07 -48.62 -8.06
N ARG D 298 25.51 -49.77 -7.71
CA ARG D 298 24.06 -49.95 -7.82
C ARG D 298 23.34 -49.10 -6.81
N LYS D 299 23.93 -48.99 -5.63
CA LYS D 299 23.30 -48.34 -4.50
C LYS D 299 23.17 -46.83 -4.75
N GLN D 300 23.81 -46.33 -5.81
CA GLN D 300 23.70 -44.92 -6.19
C GLN D 300 22.82 -44.76 -7.43
N TYR D 301 23.02 -45.65 -8.41
CA TYR D 301 22.18 -45.76 -9.63
C TYR D 301 20.68 -45.82 -9.36
N VAL D 302 20.28 -46.57 -8.34
CA VAL D 302 18.86 -46.69 -7.95
C VAL D 302 18.34 -45.35 -7.47
N ARG D 303 19.21 -44.59 -6.81
CA ARG D 303 18.89 -43.22 -6.36
C ARG D 303 18.91 -42.18 -7.49
N ARG D 304 19.45 -42.55 -8.65
CA ARG D 304 19.16 -41.85 -9.92
C ARG D 304 18.01 -42.56 -10.66
N ARG D 305 17.12 -43.18 -9.89
CA ARG D 305 15.88 -43.77 -10.39
C ARG D 305 14.81 -43.55 -9.32
#